data_1AHZ
#
_entry.id   1AHZ
#
_cell.length_a   140.970
_cell.length_b   140.970
_cell.length_c   133.450
_cell.angle_alpha   90.00
_cell.angle_beta   90.00
_cell.angle_gamma   90.00
#
_symmetry.space_group_name_H-M   'I 4'
#
loop_
_entity.id
_entity.type
_entity.pdbx_description
1 polymer 'VANILLYL-ALCOHOL OXIDASE'
2 non-polymer 'CHLORIDE ION'
3 non-polymer 'FLAVIN-ADENINE DINUCLEOTIDE'
4 non-polymer HEPTANYL-P-PHENOL
#
_entity_poly.entity_id   1
_entity_poly.type   'polypeptide(L)'
_entity_poly.pdbx_seq_one_letter_code
;MSKTQEFRPLTLPPKLSLSDFNEFIQDIIRIVGSENVEVISSKDQIVDGSYMKPTHTHDPHHVMDQDYFLASAIVAPRNV
ADVQSIVGLANKFSFPLWPISIGRNSGYGGAAPRVSGSVVLDMGKNMNRVLEVNVEGAYCVVEPGVTYHDLHNYLEANNL
RDKLWLDVPDLGGGSVLGNAVERGVGYTPYGDHWMMHSGMEVVLANGELLRTGMGALPDPKRPETMGLKPEDQPWSKIAH
LFPYGFGPYIDGLFSQSNMGIVTKIGIWLMPNPRGYQSYLITLPKDGDLKQAVDIIRPLRLGMALQNVPTIRHILLDAAV
LGDKRSYSSRTEPLSDEELDKIAKQLNLGRWNFYGALYGPEPIRRVLWETIKDAFSAIPGVKFYFPEDTPENSVLRVRDK
TMQGIPTYDELKWIDWLPNGAHLFFSPIAKVSGEDAMMQYAVTKKRCQEAGLDFIGTFTVGMREMHHIVCIVFNKKDLIQ
KRKVQWLMRTLIDDCAANGWGEYRTHLAFMDQIMETYNWNNSSFLRFNEVLKNAVDPNGIIAPGKSGVWPSQYSHVTWKL
;
_entity_poly.pdbx_strand_id   A,B
#
loop_
_chem_comp.id
_chem_comp.type
_chem_comp.name
_chem_comp.formula
CL non-polymer 'CHLORIDE ION' 'Cl -1'
EPT non-polymer HEPTANYL-P-PHENOL 'C13 H20 O'
FAD non-polymer 'FLAVIN-ADENINE DINUCLEOTIDE' 'C27 H33 N9 O15 P2'
#
# COMPACT_ATOMS: atom_id res chain seq x y z
N GLU A 6 41.43 -2.73 12.37
CA GLU A 6 42.27 -2.73 11.18
C GLU A 6 42.85 -1.36 10.83
N PHE A 7 43.93 -1.36 10.05
CA PHE A 7 44.62 -0.13 9.65
C PHE A 7 44.33 0.81 8.46
N ARG A 8 44.40 0.28 7.24
CA ARG A 8 44.20 1.08 6.03
C ARG A 8 43.34 0.39 4.99
N PRO A 9 42.22 1.04 4.74
CA PRO A 9 41.25 0.55 3.79
C PRO A 9 41.83 0.95 2.43
N LEU A 10 41.39 0.21 1.42
CA LEU A 10 41.83 0.45 0.07
C LEU A 10 41.36 1.81 -0.40
N THR A 11 40.19 2.24 0.05
CA THR A 11 39.63 3.55 -0.32
C THR A 11 38.89 3.97 0.93
N LEU A 12 38.48 5.24 0.94
CA LEU A 12 37.77 5.75 2.11
C LEU A 12 36.67 6.74 1.79
N PRO A 13 35.79 6.89 2.77
CA PRO A 13 34.65 7.80 2.71
C PRO A 13 35.15 9.21 2.40
N PRO A 14 34.34 10.00 1.72
CA PRO A 14 34.80 11.33 1.41
C PRO A 14 34.95 12.16 2.67
N LYS A 15 35.90 13.09 2.63
CA LYS A 15 36.16 13.95 3.77
C LYS A 15 36.51 13.31 5.09
N LEU A 16 37.38 12.32 5.04
CA LEU A 16 37.74 11.66 6.28
C LEU A 16 39.17 11.12 6.30
N SER A 17 39.82 11.39 7.43
CA SER A 17 41.21 11.00 7.66
C SER A 17 41.34 9.56 8.07
N LEU A 18 42.50 8.98 7.73
CA LEU A 18 42.79 7.59 8.06
C LEU A 18 42.81 7.54 9.58
N SER A 19 43.23 8.64 10.18
CA SER A 19 43.28 8.69 11.63
C SER A 19 41.87 8.52 12.17
N ASP A 20 40.89 9.06 11.44
CA ASP A 20 39.52 8.92 11.90
C ASP A 20 38.96 7.55 11.62
N PHE A 21 39.28 7.01 10.46
CA PHE A 21 38.75 5.70 10.12
C PHE A 21 39.15 4.68 11.17
N ASN A 22 40.39 4.84 11.63
CA ASN A 22 40.94 3.95 12.64
C ASN A 22 40.25 4.07 13.99
N GLU A 23 39.99 5.30 14.44
CA GLU A 23 39.33 5.40 15.73
C GLU A 23 37.91 4.85 15.62
N PHE A 24 37.30 5.16 14.48
CA PHE A 24 35.96 4.70 14.25
C PHE A 24 35.94 3.17 14.25
N ILE A 25 36.73 2.56 13.36
CA ILE A 25 36.78 1.11 13.28
C ILE A 25 37.20 0.47 14.58
N GLN A 26 38.11 1.13 15.27
CA GLN A 26 38.60 0.62 16.53
C GLN A 26 37.40 0.39 17.43
N ASP A 27 36.64 1.46 17.62
CA ASP A 27 35.47 1.38 18.47
C ASP A 27 34.45 0.34 18.04
N ILE A 28 34.29 0.15 16.73
CA ILE A 28 33.30 -0.83 16.33
C ILE A 28 33.79 -2.20 16.72
N ILE A 29 35.07 -2.45 16.55
CA ILE A 29 35.65 -3.75 16.90
C ILE A 29 35.43 -4.07 18.37
N ARG A 30 35.43 -3.03 19.19
CA ARG A 30 35.24 -3.18 20.63
C ARG A 30 33.79 -3.58 20.94
N ILE A 31 32.86 -3.10 20.11
CA ILE A 31 31.44 -3.39 20.27
C ILE A 31 31.01 -4.76 19.73
N VAL A 32 31.20 -4.97 18.44
CA VAL A 32 30.83 -6.22 17.80
C VAL A 32 31.89 -7.30 17.88
N GLY A 33 33.09 -6.91 18.30
CA GLY A 33 34.21 -7.86 18.42
C GLY A 33 34.76 -8.19 17.04
N SER A 34 36.08 -8.36 16.99
CA SER A 34 36.79 -8.66 15.76
C SER A 34 36.17 -9.64 14.77
N GLU A 35 35.55 -10.68 15.31
CA GLU A 35 34.93 -11.68 14.46
C GLU A 35 33.98 -10.99 13.48
N ASN A 36 33.28 -9.97 13.98
CA ASN A 36 32.32 -9.21 13.19
C ASN A 36 32.72 -8.17 12.17
N VAL A 37 33.79 -7.45 12.49
CA VAL A 37 34.31 -6.43 11.60
C VAL A 37 35.23 -7.04 10.53
N GLU A 38 35.48 -6.30 9.46
CA GLU A 38 36.39 -6.76 8.40
C GLU A 38 36.77 -5.62 7.49
N VAL A 39 38.06 -5.29 7.52
CA VAL A 39 38.58 -4.21 6.69
C VAL A 39 39.12 -4.63 5.36
N ILE A 40 38.84 -3.78 4.37
CA ILE A 40 39.32 -4.06 3.03
C ILE A 40 40.64 -3.37 2.73
N SER A 41 41.70 -4.12 3.02
CA SER A 41 43.09 -3.72 2.83
C SER A 41 43.75 -4.00 1.49
N SER A 42 43.36 -5.08 0.83
CA SER A 42 44.00 -5.40 -0.45
C SER A 42 43.19 -6.11 -1.52
N LYS A 43 43.73 -6.02 -2.73
CA LYS A 43 43.15 -6.60 -3.92
C LYS A 43 42.71 -8.04 -3.78
N ASP A 44 43.46 -8.84 -3.04
CA ASP A 44 43.09 -10.23 -2.87
C ASP A 44 41.73 -10.38 -2.19
N GLN A 45 41.27 -9.27 -1.61
CA GLN A 45 39.99 -9.23 -0.92
C GLN A 45 38.80 -8.96 -1.87
N ILE A 46 39.12 -8.35 -3.01
CA ILE A 46 38.13 -8.01 -4.02
C ILE A 46 37.52 -9.12 -4.87
N VAL A 47 37.45 -10.34 -4.32
CA VAL A 47 36.89 -11.47 -5.06
C VAL A 47 35.40 -11.42 -5.45
N ASP A 48 35.10 -11.71 -6.72
CA ASP A 48 33.73 -11.74 -7.23
C ASP A 48 33.30 -13.16 -6.84
N GLY A 49 32.41 -13.26 -5.86
CA GLY A 49 31.91 -14.54 -5.39
C GLY A 49 31.10 -15.36 -6.39
N SER A 50 30.10 -16.05 -5.82
CA SER A 50 29.17 -16.92 -6.52
C SER A 50 27.84 -16.60 -5.85
N TYR A 51 26.74 -16.91 -6.53
CA TYR A 51 25.42 -16.64 -5.96
C TYR A 51 25.32 -17.37 -4.64
N MET A 52 25.88 -18.58 -4.61
CA MET A 52 25.89 -19.45 -3.43
C MET A 52 26.68 -18.90 -2.26
N LYS A 53 27.65 -18.04 -2.57
CA LYS A 53 28.47 -17.44 -1.51
C LYS A 53 28.85 -16.11 -2.14
N PRO A 54 27.98 -15.15 -1.82
CA PRO A 54 28.10 -13.80 -2.29
C PRO A 54 29.20 -13.00 -1.61
N THR A 55 29.77 -12.07 -2.38
CA THR A 55 30.82 -11.16 -1.93
C THR A 55 30.13 -9.91 -1.36
N HIS A 56 30.52 -9.50 -0.15
CA HIS A 56 29.95 -8.32 0.48
C HIS A 56 30.73 -7.01 0.28
N THR A 57 31.83 -7.09 -0.45
CA THR A 57 32.69 -5.93 -0.71
C THR A 57 32.41 -5.05 -1.94
N HIS A 58 31.69 -5.59 -2.92
CA HIS A 58 31.46 -4.77 -4.09
C HIS A 58 30.49 -5.51 -5.01
N ASP A 59 30.35 -4.93 -6.19
CA ASP A 59 29.49 -5.47 -7.23
C ASP A 59 30.14 -6.64 -7.98
N PRO A 60 29.46 -7.79 -7.93
CA PRO A 60 29.90 -9.00 -8.59
C PRO A 60 29.76 -8.90 -10.10
N HIS A 61 28.65 -8.32 -10.55
CA HIS A 61 28.28 -8.11 -11.95
C HIS A 61 28.68 -6.76 -12.53
N HIS A 62 29.67 -6.13 -11.92
CA HIS A 62 30.16 -4.82 -12.32
C HIS A 62 30.22 -4.43 -13.79
N VAL A 63 29.36 -3.50 -14.21
CA VAL A 63 29.42 -3.06 -15.62
C VAL A 63 30.57 -2.07 -15.58
N MET A 64 30.66 -1.41 -14.43
CA MET A 64 31.72 -0.45 -14.19
C MET A 64 32.98 -1.16 -13.72
N ASP A 65 34.04 -0.38 -13.45
CA ASP A 65 35.30 -0.96 -12.99
C ASP A 65 34.99 -1.80 -11.76
N GLN A 66 35.65 -2.95 -11.67
CA GLN A 66 35.40 -3.83 -10.55
C GLN A 66 35.54 -3.16 -9.17
N ASP A 67 36.67 -2.50 -8.98
CA ASP A 67 36.94 -1.81 -7.73
C ASP A 67 36.31 -0.42 -7.62
N TYR A 68 35.35 -0.11 -8.51
CA TYR A 68 34.70 1.20 -8.49
C TYR A 68 33.92 1.42 -7.18
N PHE A 69 32.83 0.68 -6.99
CA PHE A 69 32.05 0.81 -5.77
C PHE A 69 32.50 -0.31 -4.84
N LEU A 70 33.09 0.02 -3.68
CA LEU A 70 33.53 -0.98 -2.70
C LEU A 70 33.77 -0.36 -1.34
N ALA A 71 33.43 -1.16 -0.34
CA ALA A 71 33.53 -0.82 1.07
C ALA A 71 34.87 -0.55 1.71
N SER A 72 34.83 0.22 2.80
CA SER A 72 36.06 0.52 3.52
C SER A 72 36.16 -0.64 4.50
N ALA A 73 35.03 -1.22 4.83
CA ALA A 73 34.99 -2.34 5.77
C ALA A 73 33.58 -2.96 5.88
N ILE A 74 33.47 -4.03 6.64
CA ILE A 74 32.15 -4.63 6.77
C ILE A 74 31.91 -4.89 8.22
N VAL A 75 30.65 -4.81 8.60
CA VAL A 75 30.39 -5.04 9.99
C VAL A 75 29.05 -5.67 10.17
N ALA A 76 29.06 -6.76 10.93
CA ALA A 76 27.87 -7.52 11.22
C ALA A 76 27.39 -7.19 12.64
N PRO A 77 26.33 -6.42 12.79
CA PRO A 77 25.89 -6.15 14.16
C PRO A 77 25.38 -7.49 14.68
N ARG A 78 25.52 -7.72 15.99
CA ARG A 78 25.08 -8.96 16.62
C ARG A 78 23.56 -8.93 16.81
N ASN A 79 23.02 -7.73 17.02
CA ASN A 79 21.58 -7.54 17.21
C ASN A 79 21.28 -6.05 17.20
N VAL A 80 19.99 -5.73 17.28
CA VAL A 80 19.51 -4.34 17.28
C VAL A 80 20.34 -3.35 18.07
N ALA A 81 20.66 -3.69 19.31
CA ALA A 81 21.44 -2.78 20.13
C ALA A 81 22.73 -2.29 19.48
N ASP A 82 23.42 -3.18 18.75
CA ASP A 82 24.67 -2.82 18.08
C ASP A 82 24.43 -1.88 16.93
N VAL A 83 23.28 -2.10 16.31
CA VAL A 83 22.90 -1.29 15.18
C VAL A 83 22.75 0.11 15.75
N GLN A 84 21.94 0.25 16.80
CA GLN A 84 21.76 1.56 17.40
C GLN A 84 23.09 2.23 17.69
N SER A 85 24.00 1.45 18.24
CA SER A 85 25.34 1.91 18.60
C SER A 85 26.23 2.29 17.45
N ILE A 86 26.22 1.43 16.44
CA ILE A 86 27.03 1.68 15.28
C ILE A 86 26.52 2.98 14.68
N VAL A 87 25.20 3.10 14.71
CA VAL A 87 24.58 4.31 14.19
C VAL A 87 25.09 5.58 14.85
N GLY A 88 25.15 5.53 16.17
CA GLY A 88 25.62 6.69 16.91
C GLY A 88 27.08 7.02 16.56
N LEU A 89 27.93 6.00 16.45
CA LEU A 89 29.31 6.34 16.11
C LEU A 89 29.36 6.97 14.73
N ALA A 90 28.62 6.37 13.82
CA ALA A 90 28.57 6.86 12.45
C ALA A 90 28.29 8.36 12.48
N ASN A 91 27.39 8.78 13.36
CA ASN A 91 27.07 10.19 13.45
C ASN A 91 28.24 10.99 13.97
N LYS A 92 28.96 10.45 14.94
CA LYS A 92 30.08 11.20 15.46
C LYS A 92 31.11 11.48 14.36
N PHE A 93 31.37 10.50 13.49
CA PHE A 93 32.31 10.62 12.38
C PHE A 93 31.73 11.01 11.01
N SER A 94 30.40 10.98 10.90
CA SER A 94 29.79 11.31 9.64
C SER A 94 30.18 10.26 8.60
N PHE A 95 30.44 9.06 9.10
CA PHE A 95 30.82 7.94 8.26
C PHE A 95 29.56 7.34 7.59
N PRO A 96 29.59 7.12 6.28
CA PRO A 96 28.43 6.55 5.64
C PRO A 96 28.27 5.04 5.74
N LEU A 97 27.03 4.66 6.09
CA LEU A 97 26.58 3.28 6.24
C LEU A 97 25.83 2.84 4.99
N TRP A 98 25.76 1.55 4.72
CA TRP A 98 25.04 1.07 3.56
C TRP A 98 24.63 -0.29 4.07
N PRO A 99 23.37 -0.40 4.50
CA PRO A 99 22.82 -1.63 5.03
C PRO A 99 22.46 -2.66 3.99
N ILE A 100 22.46 -3.92 4.38
CA ILE A 100 22.09 -4.99 3.46
C ILE A 100 21.76 -6.17 4.34
N SER A 101 20.85 -7.02 3.86
CA SER A 101 20.46 -8.19 4.61
C SER A 101 21.21 -9.39 4.01
N ILE A 102 21.02 -9.57 2.70
CA ILE A 102 21.68 -10.68 2.04
C ILE A 102 22.93 -10.52 1.23
N GLY A 103 22.92 -9.47 0.44
CA GLY A 103 24.00 -9.14 -0.47
C GLY A 103 23.62 -9.72 -1.84
N ARG A 104 22.51 -10.45 -1.89
CA ARG A 104 21.96 -11.06 -3.09
C ARG A 104 21.42 -10.29 -4.28
N ASN A 105 21.37 -8.97 -4.09
CA ASN A 105 20.86 -8.05 -5.09
C ASN A 105 21.61 -7.88 -6.42
N SER A 106 22.26 -8.94 -6.90
CA SER A 106 23.01 -8.87 -8.16
C SER A 106 22.18 -8.39 -9.37
N GLY A 107 22.84 -7.78 -10.33
CA GLY A 107 22.12 -7.30 -11.49
C GLY A 107 21.49 -5.97 -11.09
N TYR A 108 21.85 -5.52 -9.89
CA TYR A 108 21.38 -4.26 -9.31
C TYR A 108 22.51 -3.71 -8.44
N GLY A 109 23.69 -4.26 -8.69
CA GLY A 109 24.92 -3.88 -7.97
C GLY A 109 25.42 -4.72 -6.78
N GLY A 110 24.67 -5.77 -6.43
CA GLY A 110 25.04 -6.65 -5.32
C GLY A 110 25.20 -5.88 -4.02
N ALA A 111 26.13 -6.35 -3.19
CA ALA A 111 26.36 -5.66 -1.93
C ALA A 111 27.08 -4.31 -1.95
N ALA A 112 27.57 -3.88 -3.12
CA ALA A 112 28.28 -2.61 -3.21
C ALA A 112 27.48 -1.36 -2.84
N PRO A 113 28.12 -0.43 -2.14
CA PRO A 113 27.52 0.83 -1.71
C PRO A 113 27.68 1.89 -2.83
N ARG A 114 26.77 2.87 -2.89
CA ARG A 114 26.78 3.93 -3.90
C ARG A 114 28.03 4.78 -3.75
N VAL A 115 28.25 5.22 -2.52
CA VAL A 115 29.43 6.01 -2.22
C VAL A 115 30.53 5.10 -1.65
N SER A 116 31.67 5.00 -2.34
CA SER A 116 32.78 4.15 -1.88
C SER A 116 33.46 4.49 -0.55
N GLY A 117 33.89 3.46 0.16
CA GLY A 117 34.55 3.61 1.46
C GLY A 117 33.55 3.59 2.61
N SER A 118 32.29 3.31 2.29
CA SER A 118 31.23 3.25 3.27
C SER A 118 31.43 1.95 4.01
N VAL A 119 30.85 1.90 5.19
CA VAL A 119 30.94 0.69 5.97
C VAL A 119 29.70 -0.05 5.56
N VAL A 120 29.80 -1.34 5.28
CA VAL A 120 28.60 -2.03 4.90
C VAL A 120 27.98 -2.79 6.05
N LEU A 121 26.73 -2.50 6.42
CA LEU A 121 26.21 -3.32 7.50
C LEU A 121 25.64 -4.66 7.06
N ASP A 122 26.24 -5.74 7.54
CA ASP A 122 25.72 -7.04 7.16
C ASP A 122 24.65 -7.27 8.18
N MET A 123 23.42 -6.91 7.85
CA MET A 123 22.36 -7.11 8.83
C MET A 123 22.06 -8.59 8.98
N GLY A 124 22.21 -9.31 7.86
CA GLY A 124 21.93 -10.74 7.82
C GLY A 124 22.65 -11.82 8.63
N LYS A 125 23.97 -11.68 8.74
CA LYS A 125 24.78 -12.64 9.45
C LYS A 125 24.21 -13.03 10.80
N ASN A 126 24.18 -12.08 11.71
CA ASN A 126 23.65 -12.37 13.03
C ASN A 126 22.18 -12.36 13.35
N MET A 127 21.45 -11.50 12.66
CA MET A 127 20.01 -11.40 12.87
C MET A 127 19.58 -12.27 11.72
N ASN A 128 19.45 -13.55 12.03
CA ASN A 128 19.10 -14.58 11.08
C ASN A 128 17.75 -15.26 11.30
N ARG A 129 17.18 -15.03 12.48
CA ARG A 129 15.92 -15.60 12.96
C ARG A 129 14.51 -15.50 12.39
N VAL A 130 13.82 -16.64 12.35
CA VAL A 130 12.44 -16.63 11.88
C VAL A 130 11.77 -16.45 13.24
N LEU A 131 11.33 -15.24 13.52
CA LEU A 131 10.68 -14.87 14.76
C LEU A 131 9.31 -15.41 15.04
N GLU A 132 8.57 -15.77 14.00
CA GLU A 132 7.24 -16.29 14.25
C GLU A 132 6.51 -16.73 13.00
N VAL A 133 5.63 -17.69 13.21
CA VAL A 133 4.82 -18.24 12.14
C VAL A 133 3.51 -18.51 12.85
N ASN A 134 2.47 -17.90 12.32
CA ASN A 134 1.12 -17.99 12.87
C ASN A 134 0.17 -18.39 11.75
N VAL A 135 -0.43 -19.54 12.05
CA VAL A 135 -1.37 -20.25 11.20
C VAL A 135 -2.72 -19.56 11.06
N GLU A 136 -3.23 -19.06 12.16
CA GLU A 136 -4.53 -18.39 12.09
C GLU A 136 -4.47 -17.02 11.39
N GLY A 137 -3.37 -16.31 11.62
CA GLY A 137 -3.15 -14.99 11.02
C GLY A 137 -2.58 -15.20 9.63
N ALA A 138 -2.04 -16.39 9.41
CA ALA A 138 -1.44 -16.75 8.14
C ALA A 138 -0.32 -15.80 7.75
N TYR A 139 0.58 -15.58 8.70
CA TYR A 139 1.70 -14.71 8.42
C TYR A 139 2.81 -15.20 9.33
N CYS A 140 3.98 -14.59 9.18
CA CYS A 140 5.18 -14.91 9.96
C CYS A 140 5.98 -13.63 10.08
N VAL A 141 7.02 -13.64 10.91
CA VAL A 141 7.80 -12.43 11.09
C VAL A 141 9.24 -12.81 10.93
N VAL A 142 10.03 -11.89 10.39
CA VAL A 142 11.41 -12.18 10.13
C VAL A 142 12.50 -11.14 10.21
N GLU A 143 13.70 -11.61 10.48
CA GLU A 143 14.82 -10.71 10.53
C GLU A 143 15.47 -10.70 9.17
N PRO A 144 16.39 -9.78 9.01
CA PRO A 144 17.08 -9.63 7.75
C PRO A 144 17.75 -10.88 7.24
N GLY A 145 18.21 -11.72 8.17
CA GLY A 145 18.90 -12.98 7.88
C GLY A 145 18.16 -14.09 7.13
N VAL A 146 16.85 -14.19 7.34
CA VAL A 146 16.11 -15.25 6.66
C VAL A 146 15.98 -15.23 5.12
N THR A 147 16.53 -16.23 4.43
CA THR A 147 16.43 -16.28 2.97
C THR A 147 15.15 -17.06 2.74
N TYR A 148 14.70 -17.08 1.49
CA TYR A 148 13.48 -17.81 1.18
C TYR A 148 13.67 -19.28 1.53
N HIS A 149 14.75 -19.90 1.06
CA HIS A 149 14.98 -21.30 1.37
C HIS A 149 14.86 -21.56 2.84
N ASP A 150 15.45 -20.66 3.61
CA ASP A 150 15.37 -20.86 5.05
C ASP A 150 13.96 -20.99 5.55
N LEU A 151 13.13 -20.02 5.18
CA LEU A 151 11.74 -20.01 5.61
C LEU A 151 11.01 -21.27 5.17
N HIS A 152 11.27 -21.63 3.92
CA HIS A 152 10.66 -22.83 3.38
C HIS A 152 11.05 -23.98 4.26
N ASN A 153 12.33 -24.10 4.59
CA ASN A 153 12.71 -25.21 5.45
C ASN A 153 11.98 -25.15 6.78
N TYR A 154 12.01 -24.00 7.43
CA TYR A 154 11.34 -23.89 8.72
C TYR A 154 9.88 -24.28 8.67
N LEU A 155 9.22 -24.03 7.55
CA LEU A 155 7.83 -24.39 7.49
C LEU A 155 7.78 -25.90 7.39
N GLU A 156 8.68 -26.43 6.58
CA GLU A 156 8.78 -27.87 6.34
C GLU A 156 9.26 -28.68 7.54
N ALA A 157 10.17 -28.11 8.30
CA ALA A 157 10.69 -28.80 9.45
C ALA A 157 9.51 -28.91 10.39
N ASN A 158 8.82 -27.80 10.54
CA ASN A 158 7.66 -27.71 11.40
C ASN A 158 6.39 -28.33 10.84
N ASN A 159 6.51 -28.98 9.69
CA ASN A 159 5.36 -29.64 9.08
C ASN A 159 4.22 -28.73 8.66
N LEU A 160 4.49 -27.43 8.75
CA LEU A 160 3.57 -26.36 8.41
C LEU A 160 3.35 -26.18 6.91
N ARG A 161 4.22 -26.77 6.09
CA ARG A 161 4.07 -26.60 4.64
C ARG A 161 2.70 -26.99 4.10
N ASP A 162 2.00 -27.86 4.81
CA ASP A 162 0.69 -28.22 4.32
C ASP A 162 -0.36 -27.13 4.60
N LYS A 163 -0.08 -26.34 5.63
CA LYS A 163 -0.89 -25.21 6.13
C LYS A 163 -0.69 -23.85 5.43
N LEU A 164 0.55 -23.57 5.03
CA LEU A 164 0.87 -22.30 4.41
C LEU A 164 2.02 -22.35 3.43
N TRP A 165 1.82 -21.72 2.29
CA TRP A 165 2.80 -21.64 1.21
C TRP A 165 3.57 -20.32 1.17
N LEU A 166 4.84 -20.38 0.79
CA LEU A 166 5.65 -19.18 0.67
C LEU A 166 5.60 -18.70 -0.77
N ASP A 167 5.68 -17.40 -1.03
CA ASP A 167 5.67 -16.89 -2.42
C ASP A 167 7.15 -16.73 -2.74
N VAL A 168 7.55 -16.94 -3.98
CA VAL A 168 8.98 -16.77 -4.15
C VAL A 168 9.32 -16.24 -5.52
N PRO A 169 10.42 -15.47 -5.54
CA PRO A 169 10.97 -14.88 -6.75
C PRO A 169 11.64 -16.12 -7.34
N ASP A 170 12.50 -15.94 -8.33
CA ASP A 170 13.13 -17.12 -8.89
C ASP A 170 14.18 -17.82 -8.03
N LEU A 171 15.40 -17.29 -8.07
CA LEU A 171 16.51 -17.85 -7.31
C LEU A 171 15.98 -17.65 -5.89
N GLY A 172 15.93 -18.73 -5.11
CA GLY A 172 15.48 -18.74 -3.71
C GLY A 172 16.47 -18.24 -2.62
N GLY A 173 17.64 -17.77 -3.01
CA GLY A 173 18.62 -17.30 -2.04
C GLY A 173 18.38 -15.95 -1.37
N GLY A 174 17.71 -15.02 -2.04
CA GLY A 174 17.45 -13.69 -1.50
C GLY A 174 16.91 -13.56 -0.10
N SER A 175 17.02 -12.35 0.46
CA SER A 175 16.51 -12.11 1.81
C SER A 175 15.01 -11.86 1.67
N VAL A 176 14.19 -12.49 2.49
CA VAL A 176 12.77 -12.25 2.35
C VAL A 176 12.41 -10.77 2.55
N LEU A 177 13.03 -10.13 3.54
CA LEU A 177 12.68 -8.74 3.69
C LEU A 177 13.45 -7.82 2.73
N GLY A 178 14.68 -8.21 2.42
CA GLY A 178 15.47 -7.39 1.53
C GLY A 178 14.72 -7.31 0.23
N ASN A 179 14.17 -8.42 -0.21
CA ASN A 179 13.45 -8.34 -1.47
C ASN A 179 12.19 -7.51 -1.28
N ALA A 180 11.53 -7.68 -0.14
CA ALA A 180 10.32 -6.90 0.07
C ALA A 180 10.45 -5.40 0.18
N VAL A 181 11.52 -4.89 0.76
CA VAL A 181 11.64 -3.43 0.85
C VAL A 181 11.93 -2.87 -0.54
N GLU A 182 12.53 -3.72 -1.35
CA GLU A 182 12.89 -3.37 -2.71
C GLU A 182 11.66 -3.46 -3.60
N ARG A 183 10.60 -4.10 -3.12
CA ARG A 183 9.36 -4.27 -3.88
C ARG A 183 9.54 -5.24 -5.02
N GLY A 184 10.24 -6.33 -4.74
CA GLY A 184 10.49 -7.34 -5.74
C GLY A 184 9.24 -8.17 -6.02
N VAL A 185 9.25 -8.75 -7.21
CA VAL A 185 8.19 -9.61 -7.73
C VAL A 185 8.36 -11.07 -7.36
N GLY A 186 7.22 -11.74 -7.22
CA GLY A 186 7.13 -13.16 -6.86
C GLY A 186 6.09 -13.80 -7.78
N TYR A 187 6.07 -15.13 -7.82
CA TYR A 187 5.13 -15.83 -8.69
C TYR A 187 3.71 -16.30 -8.36
N THR A 188 3.41 -16.57 -7.09
CA THR A 188 2.06 -17.02 -6.72
C THR A 188 1.12 -15.83 -6.68
N PRO A 189 -0.07 -15.99 -6.13
CA PRO A 189 -1.01 -14.89 -6.05
C PRO A 189 -0.45 -13.81 -5.11
N TYR A 190 0.41 -14.22 -4.20
CA TYR A 190 1.02 -13.30 -3.27
C TYR A 190 2.29 -12.74 -3.88
N GLY A 191 2.32 -12.71 -5.19
CA GLY A 191 3.50 -12.23 -5.90
C GLY A 191 3.99 -10.80 -5.64
N ASP A 192 3.10 -9.89 -5.22
CA ASP A 192 3.51 -8.50 -4.95
C ASP A 192 4.15 -8.53 -3.55
N HIS A 193 5.48 -8.55 -3.46
CA HIS A 193 6.00 -8.63 -2.11
C HIS A 193 5.71 -7.49 -1.16
N TRP A 194 5.97 -6.28 -1.61
CA TRP A 194 5.72 -5.15 -0.74
C TRP A 194 4.26 -5.07 -0.33
N MET A 195 3.39 -5.46 -1.24
CA MET A 195 1.99 -5.40 -0.88
C MET A 195 1.66 -6.25 0.32
N MET A 196 2.22 -7.45 0.34
CA MET A 196 1.98 -8.40 1.40
C MET A 196 2.56 -8.25 2.80
N HIS A 197 3.22 -7.13 3.09
CA HIS A 197 3.80 -6.94 4.42
C HIS A 197 2.83 -6.26 5.39
N SER A 198 3.17 -6.27 6.68
CA SER A 198 2.34 -5.63 7.70
C SER A 198 3.11 -5.50 9.01
N GLY A 199 3.37 -4.27 9.42
CA GLY A 199 4.14 -3.94 10.62
C GLY A 199 5.64 -4.11 10.35
N MET A 200 6.43 -3.10 10.69
CA MET A 200 7.85 -3.19 10.46
C MET A 200 8.54 -2.56 11.67
N GLU A 201 9.84 -2.74 11.73
CA GLU A 201 10.55 -2.16 12.84
C GLU A 201 11.78 -1.65 12.14
N VAL A 202 12.25 -0.49 12.58
CA VAL A 202 13.43 0.11 11.96
C VAL A 202 14.16 1.10 12.85
N VAL A 203 15.47 1.21 12.61
CA VAL A 203 16.31 2.14 13.38
C VAL A 203 16.43 3.46 12.60
N LEU A 204 16.08 4.56 13.25
CA LEU A 204 16.16 5.87 12.63
C LEU A 204 17.62 6.29 12.58
N ALA A 205 17.90 7.37 11.85
CA ALA A 205 19.29 7.81 11.77
C ALA A 205 19.80 8.19 13.13
N ASN A 206 18.89 8.62 13.99
CA ASN A 206 19.22 9.02 15.35
C ASN A 206 19.32 7.79 16.28
N GLY A 207 19.17 6.60 15.71
CA GLY A 207 19.26 5.38 16.48
C GLY A 207 18.04 4.99 17.31
N GLU A 208 16.99 5.82 17.26
CA GLU A 208 15.77 5.51 18.01
C GLU A 208 14.97 4.43 17.31
N LEU A 209 14.32 3.56 18.09
CA LEU A 209 13.49 2.49 17.53
C LEU A 209 12.11 2.93 17.16
N LEU A 210 11.55 2.25 16.18
CA LEU A 210 10.22 2.60 15.75
C LEU A 210 9.44 1.46 15.10
N ARG A 211 8.30 1.08 15.69
CA ARG A 211 7.49 0.05 15.05
C ARG A 211 6.48 0.82 14.20
N THR A 212 5.89 0.20 13.18
CA THR A 212 4.94 0.95 12.36
C THR A 212 3.57 0.31 12.29
N GLY A 213 2.62 1.05 11.73
CA GLY A 213 1.27 0.53 11.60
C GLY A 213 0.80 0.20 12.99
N MET A 214 0.07 -0.89 13.12
CA MET A 214 -0.39 -1.35 14.41
C MET A 214 0.81 -1.73 15.28
N GLY A 215 2.00 -1.77 14.67
CA GLY A 215 3.23 -2.12 15.38
C GLY A 215 3.35 -1.21 16.61
N ALA A 216 2.87 0.02 16.44
CA ALA A 216 2.85 1.09 17.44
C ALA A 216 1.94 0.90 18.65
N LEU A 217 0.88 0.13 18.48
CA LEU A 217 0.01 -0.06 19.61
C LEU A 217 0.71 -1.15 20.40
N PRO A 218 1.12 -0.78 21.60
CA PRO A 218 1.84 -1.70 22.49
C PRO A 218 1.09 -2.89 23.06
N ASP A 219 1.77 -4.03 23.11
CA ASP A 219 1.18 -5.25 23.69
C ASP A 219 1.11 -4.97 25.18
N PRO A 220 -0.07 -5.19 25.77
CA PRO A 220 -0.24 -4.95 27.20
C PRO A 220 0.81 -5.71 28.03
N LYS A 221 1.14 -5.16 29.19
CA LYS A 221 2.14 -5.79 30.02
C LYS A 221 1.72 -6.95 30.92
N ARG A 222 2.27 -8.12 30.64
CA ARG A 222 2.03 -9.32 31.41
C ARG A 222 3.29 -9.49 32.25
N PRO A 223 3.23 -10.23 33.36
CA PRO A 223 4.40 -10.40 34.23
C PRO A 223 5.59 -11.05 33.51
N GLU A 224 5.27 -11.91 32.55
CA GLU A 224 6.29 -12.59 31.75
C GLU A 224 7.18 -11.76 30.81
N THR A 225 6.58 -10.67 30.33
CA THR A 225 7.21 -9.73 29.42
C THR A 225 7.92 -8.55 30.08
N MET A 226 7.89 -8.49 31.39
CA MET A 226 8.52 -7.37 32.06
C MET A 226 10.03 -7.28 31.81
N GLY A 227 10.57 -6.09 31.95
CA GLY A 227 12.00 -5.87 31.75
C GLY A 227 12.57 -5.99 30.34
N LEU A 228 11.90 -6.69 29.43
CA LEU A 228 12.42 -6.83 28.06
C LEU A 228 12.85 -5.54 27.39
N LYS A 229 13.95 -5.62 26.64
CA LYS A 229 14.38 -4.43 25.95
C LYS A 229 13.35 -4.27 24.85
N PRO A 230 13.16 -3.06 24.34
CA PRO A 230 12.18 -2.83 23.30
C PRO A 230 12.32 -3.75 22.12
N GLU A 231 13.54 -3.86 21.60
CA GLU A 231 13.73 -4.71 20.45
C GLU A 231 13.25 -6.14 20.59
N ASP A 232 13.27 -6.61 21.83
CA ASP A 232 12.84 -7.95 22.23
C ASP A 232 11.39 -8.03 22.67
N GLN A 233 10.72 -6.89 22.83
CA GLN A 233 9.32 -6.90 23.26
C GLN A 233 8.41 -7.41 22.17
N PRO A 234 7.32 -8.06 22.59
CA PRO A 234 6.36 -8.58 21.64
C PRO A 234 5.47 -7.57 20.95
N TRP A 235 4.99 -7.93 19.77
CA TRP A 235 4.09 -7.06 19.02
C TRP A 235 2.66 -7.29 19.52
N SER A 236 1.79 -6.29 19.32
CA SER A 236 0.40 -6.43 19.74
C SER A 236 -0.30 -7.38 18.76
N LYS A 237 -1.43 -7.91 19.19
CA LYS A 237 -2.17 -8.85 18.35
C LYS A 237 -2.50 -8.46 16.94
N ILE A 238 -2.89 -7.21 16.77
CA ILE A 238 -3.23 -6.76 15.44
C ILE A 238 -2.07 -6.32 14.53
N ALA A 239 -0.90 -6.05 15.10
CA ALA A 239 0.24 -5.56 14.31
C ALA A 239 0.47 -6.14 12.91
N HIS A 240 0.48 -7.46 12.83
CA HIS A 240 0.69 -8.16 11.58
C HIS A 240 -0.51 -8.47 10.70
N LEU A 241 -1.68 -8.15 11.23
CA LEU A 241 -2.96 -8.34 10.58
C LEU A 241 -3.57 -7.15 9.81
N PHE A 242 -3.16 -5.93 10.10
CA PHE A 242 -3.69 -4.73 9.45
C PHE A 242 -2.57 -3.73 9.45
N PRO A 243 -2.20 -3.42 8.23
CA PRO A 243 -1.13 -2.51 7.92
C PRO A 243 -1.26 -1.04 8.22
N TYR A 244 -2.44 -0.48 8.03
CA TYR A 244 -2.66 0.95 8.24
C TYR A 244 -2.53 1.64 9.60
N GLY A 245 -2.83 0.97 10.71
CA GLY A 245 -2.67 1.72 11.94
C GLY A 245 -3.60 2.93 12.03
N PHE A 246 -3.04 4.07 12.43
CA PHE A 246 -3.84 5.27 12.55
C PHE A 246 -2.92 6.39 12.19
N GLY A 247 -3.45 7.48 11.64
CA GLY A 247 -2.68 8.66 11.24
C GLY A 247 -1.92 8.36 9.95
N PRO A 248 -0.84 9.05 9.62
CA PRO A 248 -0.13 8.76 8.38
C PRO A 248 0.41 7.35 8.22
N TYR A 249 0.36 6.88 6.98
CA TYR A 249 0.86 5.55 6.71
C TYR A 249 2.27 5.68 6.12
N ILE A 250 3.26 5.73 7.02
CA ILE A 250 4.69 5.86 6.70
C ILE A 250 5.55 4.76 6.08
N ASP A 251 5.06 3.52 6.13
CA ASP A 251 5.79 2.38 5.60
C ASP A 251 6.48 2.63 4.27
N GLY A 252 5.82 3.28 3.33
CA GLY A 252 6.42 3.54 2.04
C GLY A 252 7.72 4.29 2.12
N LEU A 253 7.88 5.16 3.13
CA LEU A 253 9.13 5.91 3.23
C LEU A 253 10.26 4.93 3.38
N PHE A 254 9.91 3.71 3.75
CA PHE A 254 10.92 2.71 3.93
C PHE A 254 11.29 1.82 2.76
N SER A 255 10.56 1.90 1.65
CA SER A 255 10.86 1.08 0.48
C SER A 255 11.79 1.80 -0.46
N GLN A 256 12.81 1.14 -0.97
CA GLN A 256 13.74 1.76 -1.91
C GLN A 256 14.24 3.12 -1.48
N SER A 257 14.57 3.25 -0.19
CA SER A 257 15.06 4.53 0.32
C SER A 257 15.97 4.44 1.53
N ASN A 258 16.72 5.52 1.70
CA ASN A 258 17.68 5.74 2.78
C ASN A 258 17.12 6.29 4.10
N MET A 259 15.80 6.35 4.24
CA MET A 259 15.18 6.89 5.46
C MET A 259 15.52 6.18 6.77
N GLY A 260 15.86 4.89 6.69
CA GLY A 260 16.19 4.16 7.90
C GLY A 260 16.59 2.71 7.66
N ILE A 261 17.02 2.03 8.71
CA ILE A 261 17.42 0.63 8.63
C ILE A 261 16.28 -0.27 9.09
N VAL A 262 15.90 -1.29 8.31
CA VAL A 262 14.82 -2.15 8.79
C VAL A 262 15.38 -3.34 9.55
N THR A 263 14.76 -3.68 10.68
CA THR A 263 15.19 -4.81 11.50
C THR A 263 14.33 -6.08 11.54
N LYS A 264 13.04 -5.92 11.24
CA LYS A 264 12.14 -7.07 11.28
C LYS A 264 11.00 -6.65 10.40
N ILE A 265 10.15 -7.60 10.05
CA ILE A 265 9.02 -7.22 9.21
C ILE A 265 7.99 -8.35 9.15
N GLY A 266 6.71 -7.98 9.10
CA GLY A 266 5.59 -8.92 9.02
C GLY A 266 5.31 -9.19 7.55
N ILE A 267 5.10 -10.46 7.22
CA ILE A 267 4.82 -10.85 5.84
C ILE A 267 3.73 -11.88 5.82
N TRP A 268 2.80 -11.65 4.92
CA TRP A 268 1.73 -12.60 4.84
C TRP A 268 2.12 -13.93 4.20
N LEU A 269 1.28 -14.94 4.36
CA LEU A 269 1.53 -16.28 3.80
C LEU A 269 0.20 -16.86 3.32
N MET A 270 0.22 -17.30 2.07
CA MET A 270 -0.96 -17.88 1.50
C MET A 270 -1.29 -19.23 2.09
N PRO A 271 -2.56 -19.38 2.45
CA PRO A 271 -3.03 -20.63 3.02
C PRO A 271 -2.99 -21.57 1.84
N ASN A 272 -2.68 -22.83 2.12
CA ASN A 272 -2.64 -23.82 1.05
C ASN A 272 -4.00 -23.79 0.35
N PRO A 273 -3.94 -23.54 -0.95
CA PRO A 273 -5.12 -23.46 -1.80
C PRO A 273 -5.92 -24.75 -2.04
N ARG A 274 -5.32 -25.90 -1.72
CA ARG A 274 -6.03 -27.14 -1.94
C ARG A 274 -6.24 -27.53 -3.40
N GLY A 275 -5.32 -27.10 -4.27
CA GLY A 275 -5.40 -27.41 -5.71
C GLY A 275 -4.27 -26.74 -6.46
N TYR A 276 -3.74 -27.36 -7.49
CA TYR A 276 -2.67 -26.72 -8.24
C TYR A 276 -2.30 -27.47 -9.49
N GLN A 277 -1.93 -26.71 -10.51
CA GLN A 277 -1.55 -27.31 -11.76
C GLN A 277 -0.96 -26.15 -12.54
N SER A 278 0.31 -26.31 -12.87
CA SER A 278 1.01 -25.29 -13.64
C SER A 278 0.61 -25.60 -15.07
N TYR A 279 0.95 -24.74 -16.01
CA TYR A 279 0.56 -25.01 -17.39
C TYR A 279 1.48 -24.15 -18.24
N LEU A 280 1.41 -24.36 -19.53
CA LEU A 280 2.23 -23.62 -20.48
C LEU A 280 1.45 -23.47 -21.76
N ILE A 281 1.77 -22.43 -22.52
CA ILE A 281 1.09 -22.17 -23.77
C ILE A 281 2.18 -21.53 -24.57
N THR A 282 2.55 -22.22 -25.63
CA THR A 282 3.59 -21.75 -26.52
C THR A 282 3.00 -20.89 -27.62
N LEU A 283 3.56 -19.71 -27.82
CA LEU A 283 3.06 -18.83 -28.87
C LEU A 283 4.04 -19.10 -30.02
N PRO A 284 3.56 -19.47 -31.19
CA PRO A 284 4.45 -19.75 -32.31
C PRO A 284 5.30 -18.62 -32.86
N LYS A 285 4.64 -17.57 -33.32
CA LYS A 285 5.34 -16.42 -33.89
C LYS A 285 5.84 -15.32 -32.93
N ASP A 286 6.75 -14.46 -33.41
CA ASP A 286 7.32 -13.33 -32.65
C ASP A 286 6.20 -12.31 -32.41
N GLY A 287 5.51 -11.94 -33.49
CA GLY A 287 4.41 -10.99 -33.46
C GLY A 287 3.22 -11.45 -32.60
N ASP A 288 3.12 -12.73 -32.30
CA ASP A 288 2.01 -13.19 -31.48
C ASP A 288 2.02 -12.55 -30.07
N LEU A 289 3.14 -11.91 -29.73
CA LEU A 289 3.27 -11.27 -28.42
C LEU A 289 2.07 -10.34 -28.30
N LYS A 290 1.85 -9.55 -29.34
CA LYS A 290 0.75 -8.61 -29.37
C LYS A 290 -0.62 -9.19 -29.09
N GLN A 291 -1.10 -10.12 -29.90
CA GLN A 291 -2.43 -10.60 -29.54
C GLN A 291 -2.44 -11.26 -28.18
N ALA A 292 -1.34 -11.90 -27.83
CA ALA A 292 -1.29 -12.57 -26.54
C ALA A 292 -1.59 -11.63 -25.36
N VAL A 293 -0.88 -10.50 -25.35
CA VAL A 293 -1.05 -9.51 -24.31
C VAL A 293 -2.49 -9.04 -24.23
N ASP A 294 -3.08 -8.77 -25.38
CA ASP A 294 -4.45 -8.32 -25.42
C ASP A 294 -5.41 -9.36 -24.86
N ILE A 295 -5.19 -10.62 -25.20
CA ILE A 295 -6.04 -11.69 -24.73
C ILE A 295 -5.93 -11.80 -23.23
N ILE A 296 -4.75 -11.47 -22.73
CA ILE A 296 -4.54 -11.54 -21.31
C ILE A 296 -5.14 -10.46 -20.44
N ARG A 297 -5.09 -9.24 -20.94
CA ARG A 297 -5.60 -8.06 -20.24
C ARG A 297 -6.88 -8.32 -19.45
N PRO A 298 -7.90 -8.79 -20.14
CA PRO A 298 -9.18 -9.08 -19.52
C PRO A 298 -9.13 -10.28 -18.59
N LEU A 299 -8.28 -11.23 -18.94
CA LEU A 299 -8.17 -12.43 -18.10
C LEU A 299 -7.55 -12.07 -16.76
N ARG A 300 -6.71 -11.04 -16.77
CA ARG A 300 -6.11 -10.60 -15.54
C ARG A 300 -7.10 -9.87 -14.68
N LEU A 301 -7.70 -8.80 -15.20
CA LEU A 301 -8.67 -8.04 -14.43
C LEU A 301 -9.81 -8.89 -13.96
N GLY A 302 -10.27 -9.79 -14.82
CA GLY A 302 -11.37 -10.68 -14.51
C GLY A 302 -11.05 -11.81 -13.53
N MET A 303 -9.79 -11.91 -13.15
CA MET A 303 -9.37 -12.96 -12.23
C MET A 303 -9.28 -14.38 -12.77
N ALA A 304 -9.28 -14.50 -14.10
CA ALA A 304 -9.17 -15.81 -14.73
C ALA A 304 -7.75 -16.32 -14.38
N LEU A 305 -6.78 -15.43 -14.60
CA LEU A 305 -5.36 -15.67 -14.31
C LEU A 305 -5.16 -15.29 -12.84
N GLN A 306 -4.92 -16.28 -12.01
CA GLN A 306 -4.74 -16.04 -10.58
C GLN A 306 -3.46 -15.43 -10.02
N ASN A 307 -2.32 -16.05 -10.34
CA ASN A 307 -0.99 -15.64 -9.91
C ASN A 307 -0.38 -14.69 -10.91
N VAL A 308 0.90 -14.35 -10.68
CA VAL A 308 1.63 -13.46 -11.58
C VAL A 308 2.21 -14.34 -12.70
N PRO A 309 1.55 -14.44 -13.84
CA PRO A 309 2.05 -15.24 -14.95
C PRO A 309 3.16 -14.47 -15.64
N THR A 310 3.89 -15.12 -16.54
CA THR A 310 4.96 -14.39 -17.21
C THR A 310 5.18 -14.96 -18.58
N ILE A 311 5.38 -14.03 -19.50
CA ILE A 311 5.62 -14.35 -20.90
C ILE A 311 7.13 -14.41 -21.02
N ARG A 312 7.66 -15.57 -21.38
CA ARG A 312 9.12 -15.67 -21.52
C ARG A 312 9.66 -15.72 -22.96
N HIS A 313 10.74 -14.97 -23.22
CA HIS A 313 11.32 -14.96 -24.54
C HIS A 313 11.90 -16.35 -24.79
N ILE A 314 12.10 -16.70 -26.05
CA ILE A 314 12.66 -18.02 -26.34
C ILE A 314 14.06 -18.17 -25.77
N LEU A 315 14.92 -17.20 -26.02
CA LEU A 315 16.28 -17.32 -25.49
C LEU A 315 16.37 -17.55 -23.99
N LEU A 316 15.45 -16.97 -23.24
CA LEU A 316 15.50 -17.13 -21.80
C LEU A 316 15.35 -18.58 -21.39
N ASP A 317 14.42 -19.28 -22.02
CA ASP A 317 14.25 -20.67 -21.66
C ASP A 317 15.43 -21.48 -22.20
N ALA A 318 15.98 -21.05 -23.32
CA ALA A 318 17.10 -21.82 -23.84
C ALA A 318 18.32 -21.59 -22.98
N ALA A 319 18.57 -20.34 -22.60
CA ALA A 319 19.75 -20.01 -21.80
C ALA A 319 19.86 -20.90 -20.58
N VAL A 320 18.70 -21.25 -20.06
CA VAL A 320 18.61 -22.12 -18.89
C VAL A 320 18.98 -23.52 -19.39
N LEU A 321 18.53 -23.84 -20.61
CA LEU A 321 18.84 -25.14 -21.20
C LEU A 321 20.25 -25.22 -21.72
N GLY A 322 20.80 -24.09 -22.16
CA GLY A 322 22.16 -24.08 -22.69
C GLY A 322 22.82 -22.75 -23.05
N ASP A 323 24.14 -22.88 -23.12
CA ASP A 323 25.11 -21.85 -23.43
C ASP A 323 24.94 -21.34 -24.86
N LYS A 324 25.25 -20.07 -25.12
CA LYS A 324 25.08 -19.61 -26.49
C LYS A 324 25.94 -20.50 -27.37
N ARG A 325 27.09 -20.90 -26.84
CA ARG A 325 28.01 -21.76 -27.59
C ARG A 325 27.36 -23.06 -28.04
N SER A 326 26.65 -23.70 -27.12
CA SER A 326 25.94 -24.91 -27.46
C SER A 326 24.83 -24.79 -28.49
N TYR A 327 24.81 -23.68 -29.23
CA TYR A 327 23.78 -23.51 -30.24
C TYR A 327 24.28 -22.82 -31.51
N SER A 328 25.32 -22.01 -31.37
CA SER A 328 25.87 -21.32 -32.53
C SER A 328 27.26 -20.75 -32.28
N SER A 329 28.18 -21.08 -33.18
CA SER A 329 29.55 -20.61 -33.09
C SER A 329 29.56 -19.11 -33.30
N ARG A 330 28.48 -18.59 -33.87
CA ARG A 330 28.33 -17.17 -34.16
C ARG A 330 28.68 -16.31 -32.93
N THR A 331 29.30 -15.15 -33.18
CA THR A 331 29.68 -14.22 -32.12
C THR A 331 28.76 -13.00 -32.03
N GLU A 332 27.67 -13.00 -32.79
CA GLU A 332 26.75 -11.86 -32.80
C GLU A 332 25.30 -12.31 -32.58
N PRO A 333 24.42 -11.34 -32.38
CA PRO A 333 23.03 -11.67 -32.14
C PRO A 333 22.45 -12.61 -33.18
N LEU A 334 21.83 -13.65 -32.66
CA LEU A 334 21.22 -14.68 -33.48
C LEU A 334 20.02 -14.13 -34.28
N SER A 335 19.91 -14.53 -35.55
CA SER A 335 18.84 -14.11 -36.45
C SER A 335 17.47 -14.67 -36.10
N ASP A 336 16.45 -14.00 -36.63
CA ASP A 336 15.08 -14.45 -36.38
C ASP A 336 15.02 -15.90 -36.85
N GLU A 337 15.69 -16.20 -37.97
CA GLU A 337 15.69 -17.56 -38.48
C GLU A 337 16.22 -18.54 -37.43
N GLU A 338 17.41 -18.22 -36.91
CA GLU A 338 18.01 -19.07 -35.91
C GLU A 338 17.15 -19.25 -34.67
N LEU A 339 16.42 -18.19 -34.32
CA LEU A 339 15.53 -18.22 -33.16
C LEU A 339 14.36 -19.15 -33.42
N ASP A 340 13.87 -19.15 -34.65
CA ASP A 340 12.76 -20.03 -35.00
C ASP A 340 13.24 -21.46 -34.89
N LYS A 341 14.47 -21.67 -35.32
CA LYS A 341 15.08 -22.98 -35.30
C LYS A 341 15.16 -23.61 -33.91
N ILE A 342 15.79 -22.90 -32.98
CA ILE A 342 15.92 -23.41 -31.64
C ILE A 342 14.60 -23.74 -30.95
N ALA A 343 13.58 -22.94 -31.22
CA ALA A 343 12.31 -23.24 -30.58
C ALA A 343 11.83 -24.57 -31.13
N LYS A 344 12.10 -24.81 -32.41
CA LYS A 344 11.64 -26.05 -32.99
C LYS A 344 12.39 -27.14 -32.24
N GLN A 345 13.70 -26.96 -32.03
CA GLN A 345 14.48 -27.99 -31.32
C GLN A 345 13.98 -28.26 -29.91
N LEU A 346 13.63 -27.19 -29.22
CA LEU A 346 13.12 -27.24 -27.86
C LEU A 346 11.62 -27.41 -27.66
N ASN A 347 10.85 -27.42 -28.74
CA ASN A 347 9.40 -27.54 -28.56
C ASN A 347 8.59 -26.37 -27.98
N LEU A 348 9.29 -25.25 -27.87
CA LEU A 348 8.76 -23.99 -27.36
C LEU A 348 8.39 -23.04 -28.49
N GLY A 349 7.64 -22.02 -28.12
CA GLY A 349 7.18 -20.97 -29.04
C GLY A 349 8.24 -19.85 -29.07
N ARG A 350 8.05 -18.88 -29.96
CA ARG A 350 9.01 -17.79 -30.04
C ARG A 350 8.77 -16.91 -28.79
N TRP A 351 7.67 -17.20 -28.08
CA TRP A 351 7.21 -16.54 -26.86
C TRP A 351 6.53 -17.68 -26.10
N ASN A 352 6.65 -17.71 -24.78
CA ASN A 352 6.03 -18.78 -24.00
C ASN A 352 5.46 -18.29 -22.66
N PHE A 353 4.15 -18.48 -22.55
CA PHE A 353 3.35 -18.09 -21.40
C PHE A 353 3.18 -19.13 -20.33
N TYR A 354 3.92 -19.00 -19.24
CA TYR A 354 3.81 -19.93 -18.12
C TYR A 354 2.86 -19.22 -17.14
N GLY A 355 2.13 -19.96 -16.30
CA GLY A 355 1.20 -19.39 -15.32
C GLY A 355 0.59 -20.53 -14.51
N ALA A 356 -0.47 -20.28 -13.74
CA ALA A 356 -1.05 -21.35 -12.94
C ALA A 356 -2.48 -21.18 -12.48
N LEU A 357 -2.99 -22.29 -11.96
CA LEU A 357 -4.36 -22.40 -11.44
C LEU A 357 -4.25 -22.96 -10.03
N TYR A 358 -5.05 -22.33 -9.18
CA TYR A 358 -5.07 -22.68 -7.77
C TYR A 358 -6.51 -22.74 -7.33
N GLY A 359 -6.86 -23.80 -6.59
CA GLY A 359 -8.21 -24.01 -6.08
C GLY A 359 -8.71 -25.46 -6.21
N PRO A 360 -9.96 -25.72 -5.84
CA PRO A 360 -10.50 -27.07 -5.97
C PRO A 360 -10.69 -27.26 -7.45
N GLU A 361 -10.83 -28.52 -7.81
CA GLU A 361 -10.98 -28.88 -9.20
C GLU A 361 -12.05 -28.14 -9.99
N PRO A 362 -13.25 -27.99 -9.45
CA PRO A 362 -14.30 -27.30 -10.20
C PRO A 362 -13.89 -25.88 -10.58
N ILE A 363 -13.21 -25.17 -9.69
CA ILE A 363 -12.85 -23.84 -10.10
C ILE A 363 -11.78 -24.04 -11.16
N ARG A 364 -10.75 -24.81 -10.81
CA ARG A 364 -9.65 -25.08 -11.75
C ARG A 364 -10.09 -25.48 -13.15
N ARG A 365 -10.99 -26.47 -13.23
CA ARG A 365 -11.46 -26.94 -14.52
C ARG A 365 -12.07 -25.78 -15.26
N VAL A 366 -12.98 -25.08 -14.57
CA VAL A 366 -13.62 -23.97 -15.24
C VAL A 366 -12.69 -22.89 -15.78
N LEU A 367 -11.73 -22.48 -14.95
CA LEU A 367 -10.80 -21.44 -15.38
C LEU A 367 -10.00 -21.98 -16.56
N TRP A 368 -9.53 -23.22 -16.41
CA TRP A 368 -8.75 -23.81 -17.47
C TRP A 368 -9.43 -23.72 -18.83
N GLU A 369 -10.73 -23.92 -18.81
CA GLU A 369 -11.48 -23.84 -20.05
C GLU A 369 -11.37 -22.45 -20.65
N THR A 370 -11.75 -21.48 -19.84
CA THR A 370 -11.74 -20.12 -20.30
C THR A 370 -10.40 -19.71 -20.84
N ILE A 371 -9.38 -20.11 -20.11
CA ILE A 371 -8.06 -19.76 -20.54
C ILE A 371 -7.67 -20.44 -21.84
N LYS A 372 -8.00 -21.71 -21.96
CA LYS A 372 -7.63 -22.40 -23.18
C LYS A 372 -8.44 -21.83 -24.33
N ASP A 373 -9.73 -21.73 -24.10
CA ASP A 373 -10.61 -21.22 -25.13
C ASP A 373 -10.16 -19.87 -25.56
N ALA A 374 -9.74 -19.08 -24.59
CA ALA A 374 -9.30 -17.73 -24.89
C ALA A 374 -8.08 -17.60 -25.78
N PHE A 375 -7.00 -18.30 -25.43
CA PHE A 375 -5.73 -18.32 -26.17
C PHE A 375 -5.86 -19.01 -27.54
N SER A 376 -6.92 -19.78 -27.78
CA SER A 376 -7.07 -20.47 -29.08
C SER A 376 -7.11 -19.61 -30.32
N ALA A 377 -7.65 -18.39 -30.20
CA ALA A 377 -7.76 -17.46 -31.33
C ALA A 377 -6.39 -17.34 -31.99
N ILE A 378 -5.36 -17.60 -31.21
CA ILE A 378 -3.99 -17.56 -31.70
C ILE A 378 -3.75 -18.83 -32.49
N PRO A 379 -3.44 -18.64 -33.76
CA PRO A 379 -3.17 -19.76 -34.64
C PRO A 379 -1.90 -20.43 -34.18
N GLY A 380 -1.95 -21.76 -34.12
CA GLY A 380 -0.80 -22.59 -33.71
C GLY A 380 -0.44 -22.73 -32.22
N VAL A 381 -1.23 -22.11 -31.35
CA VAL A 381 -0.94 -22.20 -29.93
C VAL A 381 -0.99 -23.70 -29.59
N LYS A 382 -0.30 -24.08 -28.52
CA LYS A 382 -0.19 -25.47 -28.04
C LYS A 382 0.02 -25.48 -26.53
N PHE A 383 -0.93 -26.10 -25.84
CA PHE A 383 -0.95 -26.23 -24.39
C PHE A 383 -0.31 -27.38 -23.62
N TYR A 384 0.82 -27.19 -22.98
CA TYR A 384 1.38 -28.31 -22.23
C TYR A 384 1.25 -28.22 -20.71
N PHE A 385 1.16 -29.38 -20.07
CA PHE A 385 1.12 -29.50 -18.62
C PHE A 385 2.55 -29.91 -18.34
N PRO A 386 3.02 -29.74 -17.12
CA PRO A 386 4.40 -30.11 -16.80
C PRO A 386 4.70 -31.56 -17.19
N GLU A 387 3.75 -32.45 -16.92
CA GLU A 387 3.92 -33.85 -17.23
C GLU A 387 4.26 -34.02 -18.71
N ASP A 388 3.48 -33.35 -19.54
CA ASP A 388 3.63 -33.39 -21.00
C ASP A 388 4.97 -32.87 -21.48
N THR A 389 5.99 -32.85 -20.63
CA THR A 389 7.24 -32.31 -21.15
C THR A 389 8.50 -32.99 -20.68
N PRO A 390 9.58 -32.72 -21.40
CA PRO A 390 10.87 -33.31 -21.07
C PRO A 390 11.26 -32.97 -19.64
N GLU A 391 11.91 -33.94 -19.00
CA GLU A 391 12.38 -33.84 -17.62
C GLU A 391 13.47 -32.83 -17.28
N ASN A 392 13.55 -31.78 -18.08
CA ASN A 392 14.55 -30.75 -17.88
C ASN A 392 13.89 -29.41 -18.12
N SER A 393 12.78 -29.48 -18.86
CA SER A 393 11.96 -28.35 -19.26
C SER A 393 11.88 -27.31 -18.16
N VAL A 394 11.85 -26.06 -18.61
CA VAL A 394 11.77 -24.91 -17.72
C VAL A 394 10.43 -24.98 -16.98
N LEU A 395 9.43 -25.56 -17.64
CA LEU A 395 8.13 -25.68 -17.00
C LEU A 395 8.20 -26.57 -15.76
N ARG A 396 8.96 -27.67 -15.83
CA ARG A 396 9.06 -28.53 -14.67
C ARG A 396 9.68 -27.79 -13.49
N VAL A 397 10.35 -26.69 -13.80
CA VAL A 397 10.98 -25.90 -12.77
C VAL A 397 10.02 -24.85 -12.21
N ARG A 398 9.39 -24.09 -13.11
CA ARG A 398 8.48 -23.06 -12.64
C ARG A 398 7.31 -23.64 -11.88
N ASP A 399 7.04 -24.91 -12.12
CA ASP A 399 5.96 -25.60 -11.44
C ASP A 399 6.21 -25.52 -9.93
N LYS A 400 7.48 -25.55 -9.55
CA LYS A 400 7.77 -25.48 -8.12
C LYS A 400 7.72 -24.02 -7.72
N THR A 401 8.26 -23.16 -8.59
CA THR A 401 8.27 -21.73 -8.31
C THR A 401 6.87 -21.21 -8.09
N MET A 402 5.96 -21.58 -8.99
CA MET A 402 4.60 -21.16 -8.85
C MET A 402 3.86 -21.86 -7.71
N GLN A 403 4.59 -22.46 -6.80
CA GLN A 403 3.95 -23.13 -5.67
C GLN A 403 4.78 -22.90 -4.42
N GLY A 404 5.66 -21.89 -4.49
CA GLY A 404 6.53 -21.51 -3.38
C GLY A 404 7.81 -22.30 -3.12
N ILE A 405 8.11 -23.24 -4.01
CA ILE A 405 9.31 -24.04 -3.87
C ILE A 405 10.47 -23.29 -4.52
N PRO A 406 11.47 -23.00 -3.70
CA PRO A 406 12.65 -22.29 -4.15
C PRO A 406 13.51 -23.19 -5.01
N THR A 407 14.36 -22.62 -5.84
CA THR A 407 15.21 -23.44 -6.70
C THR A 407 16.41 -22.57 -7.07
N TYR A 408 17.23 -23.04 -7.99
CA TYR A 408 18.38 -22.21 -8.36
C TYR A 408 18.72 -22.63 -9.77
N ASP A 409 17.82 -23.41 -10.34
CA ASP A 409 18.06 -23.87 -11.69
C ASP A 409 18.16 -22.63 -12.54
N GLU A 410 17.41 -21.58 -12.21
CA GLU A 410 17.51 -20.40 -13.04
C GLU A 410 18.83 -19.67 -13.29
N LEU A 411 19.79 -19.75 -12.38
CA LEU A 411 21.04 -19.06 -12.62
C LEU A 411 21.72 -19.47 -13.92
N LYS A 412 21.47 -20.68 -14.38
CA LYS A 412 22.07 -21.23 -15.59
C LYS A 412 22.00 -20.24 -16.74
N TRP A 413 20.95 -19.42 -16.76
CA TRP A 413 20.86 -18.48 -17.86
C TRP A 413 21.96 -17.42 -17.80
N ILE A 414 22.47 -17.16 -16.61
CA ILE A 414 23.53 -16.17 -16.48
C ILE A 414 24.69 -16.63 -17.33
N ASP A 415 24.75 -17.94 -17.53
CA ASP A 415 25.80 -18.56 -18.33
C ASP A 415 25.79 -18.52 -19.87
N TRP A 416 24.88 -17.76 -20.47
CA TRP A 416 24.81 -17.67 -21.92
C TRP A 416 26.19 -17.32 -22.49
N LEU A 417 26.80 -16.22 -22.04
CA LEU A 417 28.13 -15.87 -22.51
C LEU A 417 29.16 -16.53 -21.61
N PRO A 418 30.44 -16.27 -21.83
CA PRO A 418 31.50 -16.85 -21.02
C PRO A 418 31.45 -16.41 -19.58
N ASN A 419 31.98 -15.22 -19.31
CA ASN A 419 31.95 -14.72 -17.94
C ASN A 419 30.60 -14.03 -17.77
N GLY A 420 29.67 -14.79 -17.19
CA GLY A 420 28.32 -14.34 -16.95
C GLY A 420 28.17 -13.20 -15.96
N ALA A 421 27.32 -12.25 -16.32
CA ALA A 421 27.09 -11.14 -15.43
C ALA A 421 25.77 -10.59 -15.89
N HIS A 422 24.87 -10.48 -14.93
CA HIS A 422 23.56 -9.95 -15.21
C HIS A 422 23.37 -8.45 -15.02
N LEU A 423 22.41 -7.87 -15.71
CA LEU A 423 22.20 -6.45 -15.55
C LEU A 423 20.79 -6.29 -16.05
N PHE A 424 19.91 -5.92 -15.13
CA PHE A 424 18.53 -5.75 -15.52
C PHE A 424 18.03 -4.38 -15.93
N PHE A 425 17.37 -4.30 -17.09
CA PHE A 425 16.81 -3.03 -17.49
C PHE A 425 15.35 -3.38 -17.14
N SER A 426 14.59 -2.50 -16.50
CA SER A 426 13.21 -2.91 -16.19
C SER A 426 12.21 -1.76 -16.25
N PRO A 427 11.69 -1.55 -17.45
CA PRO A 427 10.73 -0.51 -17.63
C PRO A 427 9.37 -1.14 -17.38
N ILE A 428 8.40 -0.30 -17.06
CA ILE A 428 7.04 -0.76 -16.83
C ILE A 428 6.24 -0.61 -18.11
N ALA A 429 5.26 -1.48 -18.32
CA ALA A 429 4.47 -1.39 -19.53
C ALA A 429 3.04 -1.81 -19.34
N LYS A 430 2.20 -1.14 -20.10
CA LYS A 430 0.77 -1.40 -20.04
C LYS A 430 0.47 -2.82 -20.46
N VAL A 431 -0.70 -3.29 -20.02
CA VAL A 431 -1.15 -4.62 -20.38
C VAL A 431 -1.79 -4.50 -21.75
N SER A 432 -1.03 -4.02 -22.74
CA SER A 432 -1.52 -3.84 -24.11
C SER A 432 -0.58 -4.37 -25.17
N GLY A 433 -1.17 -5.04 -26.15
CA GLY A 433 -0.39 -5.61 -27.23
C GLY A 433 0.33 -4.52 -27.97
N GLU A 434 -0.33 -3.37 -28.13
CA GLU A 434 0.37 -2.32 -28.85
C GLU A 434 1.56 -1.72 -28.13
N ASP A 435 1.35 -1.43 -26.84
CA ASP A 435 2.37 -0.83 -26.01
C ASP A 435 3.53 -1.83 -25.78
N ALA A 436 3.19 -3.08 -25.50
CA ALA A 436 4.20 -4.12 -25.27
C ALA A 436 4.99 -4.41 -26.53
N MET A 437 4.36 -4.21 -27.69
CA MET A 437 5.09 -4.50 -28.91
C MET A 437 6.10 -3.36 -29.15
N MET A 438 5.66 -2.12 -28.98
CA MET A 438 6.58 -1.00 -29.19
C MET A 438 7.78 -1.11 -28.24
N GLN A 439 7.52 -1.34 -26.95
CA GLN A 439 8.63 -1.43 -26.01
C GLN A 439 9.62 -2.52 -26.37
N TYR A 440 9.12 -3.67 -26.78
CA TYR A 440 10.01 -4.76 -27.14
C TYR A 440 10.94 -4.43 -28.30
N ALA A 441 10.36 -3.76 -29.29
CA ALA A 441 11.10 -3.37 -30.48
C ALA A 441 12.14 -2.33 -30.22
N VAL A 442 11.81 -1.44 -29.30
CA VAL A 442 12.78 -0.42 -29.02
C VAL A 442 13.93 -1.06 -28.26
N THR A 443 13.63 -1.84 -27.22
CA THR A 443 14.70 -2.48 -26.47
C THR A 443 15.52 -3.41 -27.34
N LYS A 444 14.88 -4.13 -28.25
CA LYS A 444 15.62 -5.04 -29.10
C LYS A 444 16.67 -4.37 -30.02
N LYS A 445 16.24 -3.39 -30.79
CA LYS A 445 17.13 -2.68 -31.71
C LYS A 445 18.36 -2.13 -31.00
N ARG A 446 18.17 -1.57 -29.81
CA ARG A 446 19.32 -1.04 -29.10
C ARG A 446 20.22 -2.17 -28.69
N CYS A 447 19.63 -3.32 -28.41
CA CYS A 447 20.42 -4.48 -28.01
C CYS A 447 21.26 -4.90 -29.20
N GLN A 448 20.63 -4.94 -30.36
CA GLN A 448 21.33 -5.32 -31.57
C GLN A 448 22.48 -4.33 -31.77
N GLU A 449 22.20 -3.03 -31.66
CA GLU A 449 23.23 -2.00 -31.84
C GLU A 449 24.47 -2.28 -31.01
N ALA A 450 24.25 -2.82 -29.82
CA ALA A 450 25.32 -3.16 -28.89
C ALA A 450 25.91 -4.56 -29.09
N GLY A 451 25.40 -5.26 -30.09
CA GLY A 451 25.90 -6.60 -30.35
C GLY A 451 25.44 -7.67 -29.38
N LEU A 452 24.42 -7.41 -28.59
CA LEU A 452 23.95 -8.40 -27.64
C LEU A 452 22.63 -9.03 -28.06
N ASP A 453 22.39 -10.26 -27.62
CA ASP A 453 21.14 -10.94 -27.95
C ASP A 453 20.05 -10.44 -27.03
N PHE A 454 18.88 -10.09 -27.57
CA PHE A 454 17.83 -9.64 -26.68
C PHE A 454 17.34 -10.85 -25.91
N ILE A 455 17.03 -10.62 -24.64
CA ILE A 455 16.54 -11.65 -23.72
C ILE A 455 15.71 -10.95 -22.65
N GLY A 456 14.55 -11.51 -22.31
CA GLY A 456 13.68 -10.89 -21.30
C GLY A 456 12.39 -11.65 -20.99
N THR A 457 11.59 -11.14 -20.06
CA THR A 457 10.33 -11.81 -19.70
C THR A 457 9.45 -10.76 -19.12
N PHE A 458 8.18 -10.81 -19.49
CA PHE A 458 7.19 -9.87 -18.96
C PHE A 458 6.63 -10.57 -17.73
N THR A 459 6.29 -9.82 -16.69
CA THR A 459 5.75 -10.41 -15.47
C THR A 459 4.48 -9.57 -15.39
N VAL A 460 3.38 -10.28 -15.52
CA VAL A 460 2.08 -9.64 -15.50
C VAL A 460 1.35 -9.26 -14.22
N GLY A 461 1.32 -7.96 -13.94
CA GLY A 461 0.63 -7.47 -12.74
C GLY A 461 -0.81 -7.26 -13.16
N MET A 462 -1.68 -6.82 -12.26
CA MET A 462 -3.08 -6.58 -12.65
C MET A 462 -3.24 -5.58 -13.81
N ARG A 463 -2.79 -4.33 -13.65
CA ARG A 463 -2.92 -3.32 -14.71
C ARG A 463 -1.62 -2.96 -15.43
N GLU A 464 -0.57 -3.72 -15.16
CA GLU A 464 0.72 -3.44 -15.78
C GLU A 464 1.59 -4.66 -15.87
N MET A 465 2.70 -4.48 -16.58
CA MET A 465 3.65 -5.56 -16.73
C MET A 465 5.01 -4.90 -16.57
N HIS A 466 5.86 -5.62 -15.86
CA HIS A 466 7.23 -5.27 -15.57
C HIS A 466 7.95 -5.97 -16.72
N HIS A 467 8.55 -5.20 -17.62
CA HIS A 467 9.27 -5.80 -18.75
C HIS A 467 10.68 -5.93 -18.20
N ILE A 468 11.18 -7.15 -18.09
CA ILE A 468 12.53 -7.29 -17.58
C ILE A 468 13.62 -7.67 -18.57
N VAL A 469 14.33 -6.69 -19.11
CA VAL A 469 15.38 -7.00 -20.06
C VAL A 469 16.57 -7.56 -19.30
N CYS A 470 17.03 -8.74 -19.68
CA CYS A 470 18.19 -9.34 -19.02
C CYS A 470 19.46 -9.11 -19.80
N ILE A 471 20.25 -8.13 -19.43
CA ILE A 471 21.49 -7.91 -20.17
C ILE A 471 22.60 -8.84 -19.69
N VAL A 472 22.90 -9.91 -20.43
CA VAL A 472 23.99 -10.77 -20.00
C VAL A 472 25.20 -10.27 -20.73
N PHE A 473 26.34 -10.29 -20.08
CA PHE A 473 27.49 -9.81 -20.81
C PHE A 473 28.65 -10.38 -20.06
N ASN A 474 29.72 -10.56 -20.83
CA ASN A 474 30.93 -11.09 -20.26
C ASN A 474 31.68 -10.05 -19.44
N LYS A 475 31.74 -10.30 -18.13
CA LYS A 475 32.40 -9.40 -17.19
C LYS A 475 33.89 -9.12 -17.36
N LYS A 476 34.48 -9.51 -18.49
CA LYS A 476 35.90 -9.26 -18.67
C LYS A 476 36.23 -8.46 -19.92
N ASP A 477 35.30 -8.40 -20.85
CA ASP A 477 35.56 -7.62 -22.05
C ASP A 477 35.32 -6.19 -21.63
N LEU A 478 36.33 -5.35 -21.62
CA LEU A 478 36.09 -3.96 -21.20
C LEU A 478 35.24 -3.21 -22.20
N ILE A 479 35.47 -3.55 -23.45
CA ILE A 479 34.72 -2.92 -24.51
C ILE A 479 33.22 -3.22 -24.43
N GLN A 480 32.93 -4.49 -24.17
CA GLN A 480 31.55 -4.93 -24.10
C GLN A 480 30.89 -4.11 -22.99
N LYS A 481 31.58 -4.00 -21.86
CA LYS A 481 31.04 -3.25 -20.75
C LYS A 481 30.66 -1.85 -21.19
N ARG A 482 31.58 -1.15 -21.84
CA ARG A 482 31.22 0.20 -22.26
C ARG A 482 30.00 0.19 -23.16
N LYS A 483 29.94 -0.81 -24.03
CA LYS A 483 28.79 -0.86 -24.89
C LYS A 483 27.56 -1.03 -24.01
N VAL A 484 27.69 -1.86 -23.00
CA VAL A 484 26.59 -2.10 -22.09
C VAL A 484 26.15 -0.85 -21.36
N GLN A 485 27.14 -0.10 -20.90
CA GLN A 485 26.79 1.11 -20.19
C GLN A 485 26.04 1.96 -21.18
N TRP A 486 26.61 2.06 -22.38
CA TRP A 486 25.99 2.85 -23.42
C TRP A 486 24.59 2.31 -23.61
N LEU A 487 24.48 0.99 -23.68
CA LEU A 487 23.17 0.39 -23.86
C LEU A 487 22.16 0.85 -22.83
N MET A 488 22.50 0.68 -21.56
CA MET A 488 21.56 1.12 -20.53
C MET A 488 21.20 2.58 -20.65
N ARG A 489 22.22 3.42 -20.74
CA ARG A 489 21.94 4.84 -20.83
C ARG A 489 21.02 5.24 -21.95
N THR A 490 21.20 4.56 -23.06
CA THR A 490 20.36 4.87 -24.20
C THR A 490 18.94 4.41 -23.96
N LEU A 491 18.75 3.15 -23.59
CA LEU A 491 17.42 2.62 -23.33
C LEU A 491 16.63 3.48 -22.34
N ILE A 492 17.30 3.91 -21.28
CA ILE A 492 16.60 4.72 -20.30
C ILE A 492 15.99 5.95 -20.92
N ASP A 493 16.80 6.66 -21.69
CA ASP A 493 16.30 7.86 -22.32
C ASP A 493 15.18 7.59 -23.33
N ASP A 494 15.32 6.53 -24.13
CA ASP A 494 14.30 6.23 -25.12
C ASP A 494 12.99 5.89 -24.45
N CYS A 495 13.02 4.95 -23.52
CA CYS A 495 11.77 4.60 -22.88
C CYS A 495 11.19 5.81 -22.16
N ALA A 496 12.06 6.71 -21.74
CA ALA A 496 11.56 7.87 -21.04
C ALA A 496 10.74 8.66 -22.04
N ALA A 497 11.38 8.94 -23.17
CA ALA A 497 10.78 9.69 -24.26
C ALA A 497 9.54 9.03 -24.83
N ASN A 498 9.03 7.95 -24.23
CA ASN A 498 7.84 7.28 -24.75
C ASN A 498 6.98 6.86 -23.58
N GLY A 499 7.08 7.60 -22.49
CA GLY A 499 6.26 7.35 -21.31
C GLY A 499 6.67 6.19 -20.43
N TRP A 500 7.74 5.48 -20.76
CA TRP A 500 8.12 4.37 -19.89
C TRP A 500 9.17 4.61 -18.81
N GLY A 501 8.79 4.23 -17.60
CA GLY A 501 9.57 4.32 -16.37
C GLY A 501 10.25 2.98 -16.03
N GLU A 502 11.04 2.93 -14.96
CA GLU A 502 11.73 1.71 -14.55
C GLU A 502 11.49 1.59 -13.06
N TYR A 503 11.12 0.38 -12.62
CA TYR A 503 10.84 0.28 -11.21
C TYR A 503 12.01 0.04 -10.27
N ARG A 504 13.16 -0.22 -10.84
CA ARG A 504 14.34 -0.48 -10.04
C ARG A 504 15.53 -0.52 -10.97
N THR A 505 16.70 -0.30 -10.39
CA THR A 505 17.92 -0.36 -11.15
C THR A 505 19.12 -0.47 -10.25
N HIS A 506 20.22 -0.66 -10.95
CA HIS A 506 21.54 -0.80 -10.40
C HIS A 506 22.10 0.55 -9.97
N LEU A 507 23.07 0.51 -9.06
CA LEU A 507 23.74 1.71 -8.54
C LEU A 507 24.20 2.72 -9.59
N ALA A 508 24.83 2.24 -10.66
CA ALA A 508 25.31 3.16 -11.70
C ALA A 508 24.24 3.95 -12.45
N PHE A 509 22.98 3.77 -12.11
CA PHE A 509 22.00 4.50 -12.86
C PHE A 509 20.84 5.03 -12.05
N MET A 510 20.98 4.98 -10.74
CA MET A 510 19.91 5.46 -9.87
C MET A 510 19.82 6.94 -10.16
N ASP A 511 20.96 7.57 -10.36
CA ASP A 511 20.88 8.99 -10.62
C ASP A 511 20.13 9.32 -11.88
N GLN A 512 20.50 8.65 -12.97
CA GLN A 512 19.84 8.90 -14.23
C GLN A 512 18.36 8.58 -14.12
N ILE A 513 18.07 7.42 -13.57
CA ILE A 513 16.68 7.08 -13.43
C ILE A 513 15.87 8.05 -12.62
N MET A 514 16.40 8.54 -11.50
CA MET A 514 15.63 9.50 -10.74
C MET A 514 15.34 10.75 -11.60
N GLU A 515 16.26 11.15 -12.48
CA GLU A 515 15.97 12.32 -13.32
C GLU A 515 14.84 12.20 -14.29
N THR A 516 14.47 10.98 -14.65
CA THR A 516 13.39 10.81 -15.59
C THR A 516 12.12 11.21 -14.87
N TYR A 517 12.10 10.99 -13.56
CA TYR A 517 10.94 11.33 -12.78
C TYR A 517 10.74 12.84 -12.52
N ASN A 518 11.34 13.66 -13.36
CA ASN A 518 11.24 15.10 -13.17
C ASN A 518 9.99 15.96 -13.42
N TRP A 519 8.77 15.43 -13.39
CA TRP A 519 7.62 16.30 -13.63
C TRP A 519 7.63 17.50 -12.71
N ASN A 520 7.26 18.66 -13.24
CA ASN A 520 7.22 19.91 -12.50
C ASN A 520 8.56 20.33 -11.91
N ASN A 521 9.63 20.19 -12.67
CA ASN A 521 10.92 20.60 -12.12
C ASN A 521 11.57 19.79 -11.01
N SER A 522 11.48 18.47 -11.14
CA SER A 522 12.05 17.55 -10.17
C SER A 522 11.41 17.65 -8.80
N SER A 523 10.20 18.19 -8.78
CA SER A 523 9.46 18.34 -7.53
C SER A 523 9.48 17.09 -6.65
N PHE A 524 9.41 15.92 -7.27
CA PHE A 524 9.41 14.71 -6.46
C PHE A 524 10.71 14.50 -5.73
N LEU A 525 11.82 14.75 -6.42
CA LEU A 525 13.10 14.56 -5.79
C LEU A 525 13.34 15.55 -4.69
N ARG A 526 12.88 16.77 -4.93
CA ARG A 526 13.05 17.86 -3.96
C ARG A 526 12.30 17.54 -2.65
N PHE A 527 11.09 17.02 -2.78
CA PHE A 527 10.33 16.72 -1.59
C PHE A 527 11.02 15.65 -0.81
N ASN A 528 11.67 14.72 -1.50
CA ASN A 528 12.35 13.65 -0.79
C ASN A 528 13.53 14.12 0.02
N GLU A 529 14.43 14.82 -0.65
CA GLU A 529 15.61 15.34 0.02
C GLU A 529 15.22 16.12 1.27
N VAL A 530 14.08 16.79 1.22
CA VAL A 530 13.66 17.55 2.37
C VAL A 530 13.41 16.55 3.46
N LEU A 531 12.70 15.48 3.13
CA LEU A 531 12.43 14.51 4.16
C LEU A 531 13.73 13.90 4.61
N LYS A 532 14.57 13.62 3.63
CA LYS A 532 15.85 13.00 3.89
C LYS A 532 16.64 13.78 4.90
N ASN A 533 16.93 15.03 4.58
CA ASN A 533 17.70 15.83 5.52
C ASN A 533 17.00 16.08 6.85
N ALA A 534 15.69 16.14 6.85
CA ALA A 534 14.97 16.37 8.09
C ALA A 534 15.21 15.23 9.07
N VAL A 535 15.23 14.02 8.51
CA VAL A 535 15.44 12.75 9.20
C VAL A 535 16.83 12.24 9.53
N ASP A 536 17.79 12.65 8.72
CA ASP A 536 19.18 12.24 8.89
C ASP A 536 19.93 13.49 8.47
N PRO A 537 20.24 14.30 9.48
CA PRO A 537 20.94 15.56 9.28
C PRO A 537 22.31 15.33 8.68
N ASN A 538 23.02 14.34 9.20
CA ASN A 538 24.36 13.96 8.75
C ASN A 538 24.49 13.05 7.53
N GLY A 539 23.38 12.67 6.90
CA GLY A 539 23.48 11.82 5.72
C GLY A 539 24.25 10.53 5.96
N ILE A 540 24.16 10.01 7.18
CA ILE A 540 24.82 8.79 7.58
C ILE A 540 24.32 7.53 6.91
N ILE A 541 23.03 7.49 6.62
CA ILE A 541 22.46 6.30 6.01
C ILE A 541 22.37 6.23 4.49
N ALA A 542 23.06 5.28 3.87
CA ALA A 542 23.00 5.10 2.41
C ALA A 542 22.80 6.25 1.45
N PRO A 543 23.52 7.37 1.61
CA PRO A 543 23.33 8.47 0.70
C PRO A 543 23.57 7.98 -0.71
N GLY A 544 22.74 8.52 -1.59
CA GLY A 544 22.74 8.20 -3.00
C GLY A 544 21.74 7.09 -3.37
N LYS A 545 21.23 6.33 -2.42
CA LYS A 545 20.26 5.28 -2.77
C LYS A 545 19.05 5.92 -3.46
N SER A 546 18.74 5.44 -4.65
CA SER A 546 17.63 5.95 -5.43
C SER A 546 17.88 7.41 -5.88
N GLY A 547 19.14 7.80 -5.82
CA GLY A 547 19.45 9.15 -6.24
C GLY A 547 19.21 10.19 -5.16
N VAL A 548 18.72 9.78 -4.00
CA VAL A 548 18.51 10.80 -2.99
C VAL A 548 19.82 11.16 -2.28
N TRP A 549 20.27 12.40 -2.39
CA TRP A 549 21.49 12.82 -1.73
C TRP A 549 21.31 13.72 -0.50
N PRO A 550 22.08 13.51 0.58
CA PRO A 550 21.94 14.37 1.75
C PRO A 550 22.64 15.69 1.40
N SER A 551 22.30 16.78 2.09
CA SER A 551 22.90 18.08 1.80
C SER A 551 24.41 18.18 1.78
N GLN A 552 25.08 17.21 2.38
CA GLN A 552 26.53 17.15 2.47
C GLN A 552 27.25 16.81 1.17
N TYR A 553 26.63 15.93 0.40
CA TYR A 553 27.18 15.50 -0.88
C TYR A 553 26.75 16.51 -1.94
N SER A 554 27.71 17.16 -2.60
CA SER A 554 27.33 18.13 -3.61
C SER A 554 26.87 17.34 -4.83
N HIS A 555 25.73 17.72 -5.41
CA HIS A 555 25.20 17.01 -6.56
C HIS A 555 26.17 17.02 -7.73
N VAL A 556 27.04 18.03 -7.77
CA VAL A 556 28.01 18.11 -8.85
C VAL A 556 29.05 17.00 -8.73
N THR A 557 29.59 16.85 -7.53
CA THR A 557 30.60 15.82 -7.33
C THR A 557 30.00 14.43 -7.32
N TRP A 558 28.84 14.29 -6.68
CA TRP A 558 28.21 12.99 -6.61
C TRP A 558 27.38 12.36 -7.70
N LYS A 559 26.50 13.15 -8.32
CA LYS A 559 25.64 12.61 -9.38
C LYS A 559 26.41 11.81 -10.41
N LEU A 560 25.71 11.11 -11.29
CA LEU A 560 26.49 10.33 -12.24
C LEU A 560 25.64 9.74 -13.37
N GLU B 6 -15.37 40.26 4.71
CA GLU B 6 -16.17 40.31 5.93
C GLU B 6 -15.43 40.84 7.15
N PHE B 7 -16.17 41.31 8.14
CA PHE B 7 -15.59 41.88 9.36
C PHE B 7 -15.13 41.19 10.66
N ARG B 8 -16.04 40.49 11.32
CA ARG B 8 -15.74 39.82 12.59
C ARG B 8 -16.34 38.43 12.68
N PRO B 9 -15.42 37.50 12.80
CA PRO B 9 -15.76 36.09 12.90
C PRO B 9 -16.16 35.91 14.35
N LEU B 10 -16.97 34.87 14.56
CA LEU B 10 -17.46 34.55 15.88
C LEU B 10 -16.31 34.16 16.79
N THR B 11 -15.29 33.52 16.22
CA THR B 11 -14.11 33.11 16.99
C THR B 11 -12.98 33.24 16.00
N LEU B 12 -11.76 33.15 16.50
CA LEU B 12 -10.60 33.28 15.63
C LEU B 12 -9.43 32.39 15.99
N PRO B 13 -8.57 32.23 14.99
CA PRO B 13 -7.35 31.42 15.08
C PRO B 13 -6.51 31.91 16.26
N PRO B 14 -5.76 31.03 16.89
CA PRO B 14 -4.97 31.48 18.02
C PRO B 14 -3.89 32.44 17.56
N LYS B 15 -3.56 33.37 18.44
CA LYS B 15 -2.53 34.35 18.14
C LYS B 15 -2.72 35.23 16.92
N LEU B 16 -3.93 35.74 16.75
CA LEU B 16 -4.17 36.59 15.61
C LEU B 16 -5.21 37.68 15.84
N SER B 17 -4.85 38.87 15.38
CA SER B 17 -5.68 40.06 15.51
C SER B 17 -6.78 40.13 14.49
N LEU B 18 -7.88 40.78 14.87
CA LEU B 18 -9.03 40.94 13.99
C LEU B 18 -8.51 41.77 12.82
N SER B 19 -7.56 42.65 13.11
CA SER B 19 -7.01 43.49 12.06
C SER B 19 -6.34 42.57 11.03
N ASP B 20 -5.76 41.48 11.50
CA ASP B 20 -5.11 40.58 10.57
C ASP B 20 -6.10 39.71 9.82
N PHE B 21 -7.12 39.25 10.53
CA PHE B 21 -8.10 38.39 9.90
C PHE B 21 -8.72 39.10 8.72
N ASN B 22 -8.95 40.40 8.92
CA ASN B 22 -9.55 41.22 7.89
C ASN B 22 -8.65 41.42 6.67
N GLU B 23 -7.37 41.67 6.89
CA GLU B 23 -6.52 41.84 5.71
C GLU B 23 -6.42 40.50 4.97
N PHE B 24 -6.32 39.45 5.77
CA PHE B 24 -6.21 38.14 5.19
C PHE B 24 -7.46 37.84 4.38
N ILE B 25 -8.63 37.90 5.01
CA ILE B 25 -9.88 37.62 4.31
C ILE B 25 -10.11 38.56 3.15
N GLN B 26 -9.69 39.80 3.32
CA GLN B 26 -9.87 40.79 2.27
C GLN B 26 -9.21 40.25 1.02
N ASP B 27 -7.93 39.92 1.16
CA ASP B 27 -7.19 39.41 0.04
C ASP B 27 -7.77 38.14 -0.57
N ILE B 28 -8.34 37.26 0.25
CA ILE B 28 -8.88 36.06 -0.33
C ILE B 28 -10.07 36.41 -1.19
N ILE B 29 -10.89 37.34 -0.70
CA ILE B 29 -12.08 37.75 -1.44
C ILE B 29 -11.71 38.31 -2.81
N ARG B 30 -10.54 38.95 -2.87
CA ARG B 30 -10.05 39.53 -4.11
C ARG B 30 -9.65 38.44 -5.10
N ILE B 31 -9.16 37.32 -4.57
CA ILE B 31 -8.75 36.18 -5.40
C ILE B 31 -9.88 35.28 -5.88
N VAL B 32 -10.62 34.71 -4.93
CA VAL B 32 -11.73 33.82 -5.25
C VAL B 32 -13.05 34.55 -5.50
N GLY B 33 -13.08 35.83 -5.16
CA GLY B 33 -14.29 36.63 -5.33
C GLY B 33 -15.32 36.29 -4.25
N SER B 34 -16.03 37.31 -3.81
CA SER B 34 -17.04 37.19 -2.77
C SER B 34 -17.96 35.96 -2.78
N GLU B 35 -18.35 35.54 -3.97
CA GLU B 35 -19.22 34.39 -4.09
C GLU B 35 -18.60 33.21 -3.35
N ASN B 36 -17.28 33.10 -3.45
CA ASN B 36 -16.54 32.02 -2.81
C ASN B 36 -16.22 31.99 -1.32
N VAL B 37 -15.97 33.17 -0.78
CA VAL B 37 -15.68 33.31 0.63
C VAL B 37 -16.96 33.39 1.47
N GLU B 38 -16.86 33.15 2.77
CA GLU B 38 -18.01 33.23 3.67
C GLU B 38 -17.56 33.27 5.11
N VAL B 39 -17.84 34.40 5.75
CA VAL B 39 -17.47 34.58 7.15
C VAL B 39 -18.54 34.23 8.14
N ILE B 40 -18.10 33.63 9.23
CA ILE B 40 -19.01 33.25 10.29
C ILE B 40 -19.12 34.31 11.38
N SER B 41 -20.09 35.19 11.16
CA SER B 41 -20.41 36.30 12.03
C SER B 41 -21.42 36.07 13.15
N SER B 42 -22.40 35.20 12.93
CA SER B 42 -23.40 34.98 13.96
C SER B 42 -24.04 33.60 14.09
N LYS B 43 -24.64 33.41 15.26
CA LYS B 43 -25.32 32.19 15.63
C LYS B 43 -26.26 31.63 14.58
N ASP B 44 -26.97 32.51 13.89
CA ASP B 44 -27.89 32.03 12.88
C ASP B 44 -27.19 31.26 11.77
N GLN B 45 -25.87 31.39 11.75
CA GLN B 45 -25.02 30.72 10.76
C GLN B 45 -24.66 29.28 11.19
N ILE B 46 -24.71 29.04 12.49
CA ILE B 46 -24.38 27.74 13.07
C ILE B 46 -25.35 26.57 12.88
N VAL B 47 -26.12 26.60 11.80
CA VAL B 47 -27.08 25.53 11.54
C VAL B 47 -26.55 24.10 11.30
N ASP B 48 -27.14 23.11 12.00
CA ASP B 48 -26.77 21.71 11.84
C ASP B 48 -27.61 21.30 10.63
N GLY B 49 -26.95 21.09 9.51
CA GLY B 49 -27.63 20.70 8.28
C GLY B 49 -28.32 19.34 8.28
N SER B 50 -28.25 18.70 7.11
CA SER B 50 -28.84 17.40 6.83
C SER B 50 -27.76 16.72 5.99
N TYR B 51 -27.80 15.39 5.92
CA TYR B 51 -26.80 14.66 5.14
C TYR B 51 -26.87 15.16 3.71
N MET B 52 -28.10 15.41 3.26
CA MET B 52 -28.39 15.90 1.91
C MET B 52 -27.84 17.28 1.61
N LYS B 53 -27.65 18.07 2.67
CA LYS B 53 -27.12 19.41 2.50
C LYS B 53 -26.42 19.64 3.82
N PRO B 54 -25.14 19.28 3.76
CA PRO B 54 -24.24 19.37 4.90
C PRO B 54 -23.80 20.78 5.21
N THR B 55 -23.56 21.01 6.51
CA THR B 55 -23.08 22.28 7.05
C THR B 55 -21.54 22.25 7.02
N HIS B 56 -20.94 23.30 6.47
CA HIS B 56 -19.48 23.38 6.42
C HIS B 56 -18.81 24.16 7.54
N THR B 57 -19.61 24.66 8.48
CA THR B 57 -19.11 25.44 9.62
C THR B 57 -18.72 24.70 10.91
N HIS B 58 -19.23 23.50 11.09
CA HIS B 58 -18.88 22.83 12.34
C HIS B 58 -19.42 21.39 12.27
N ASP B 59 -19.32 20.74 13.42
CA ASP B 59 -19.78 19.38 13.59
C ASP B 59 -21.30 19.30 13.78
N PRO B 60 -21.93 18.55 12.88
CA PRO B 60 -23.37 18.33 12.89
C PRO B 60 -23.79 17.42 14.04
N HIS B 61 -23.01 16.37 14.26
CA HIS B 61 -23.19 15.35 15.30
C HIS B 61 -22.45 15.62 16.62
N HIS B 62 -22.14 16.88 16.86
CA HIS B 62 -21.40 17.31 18.04
C HIS B 62 -21.65 16.64 19.38
N VAL B 63 -20.67 15.88 19.89
CA VAL B 63 -20.85 15.24 21.20
C VAL B 63 -20.52 16.40 22.14
N MET B 64 -19.58 17.22 21.65
CA MET B 64 -19.16 18.39 22.38
C MET B 64 -20.10 19.54 22.12
N ASP B 65 -19.81 20.71 22.72
CA ASP B 65 -20.67 21.88 22.54
C ASP B 65 -20.77 22.14 21.05
N GLN B 66 -21.96 22.51 20.62
CA GLN B 66 -22.17 22.76 19.20
C GLN B 66 -21.17 23.73 18.57
N ASP B 67 -21.04 24.89 19.20
CA ASP B 67 -20.11 25.91 18.73
C ASP B 67 -18.65 25.70 19.15
N TYR B 68 -18.32 24.49 19.63
CA TYR B 68 -16.96 24.20 20.07
C TYR B 68 -15.96 24.32 18.90
N PHE B 69 -16.03 23.39 17.95
CA PHE B 69 -15.15 23.42 16.79
C PHE B 69 -15.92 24.10 15.67
N LEU B 70 -15.47 25.25 15.19
CA LEU B 70 -16.13 25.97 14.08
C LEU B 70 -15.21 27.00 13.48
N ALA B 71 -15.36 27.12 12.17
CA ALA B 71 -14.59 28.01 11.31
C ALA B 71 -14.71 29.52 11.47
N SER B 72 -13.66 30.22 11.05
CA SER B 72 -13.67 31.68 11.12
C SER B 72 -14.30 32.07 9.80
N ALA B 73 -14.18 31.20 8.81
CA ALA B 73 -14.74 31.48 7.49
C ALA B 73 -14.61 30.27 6.55
N ILE B 74 -15.17 30.39 5.35
CA ILE B 74 -15.05 29.26 4.45
C ILE B 74 -14.63 29.81 3.11
N VAL B 75 -13.88 28.99 2.38
CA VAL B 75 -13.45 29.47 1.11
C VAL B 75 -13.34 28.34 0.14
N ALA B 76 -13.97 28.58 -1.01
CA ALA B 76 -13.96 27.62 -2.09
C ALA B 76 -12.98 28.04 -3.16
N PRO B 77 -11.83 27.38 -3.27
CA PRO B 77 -10.91 27.82 -4.33
C PRO B 77 -11.60 27.43 -5.64
N ARG B 78 -11.37 28.21 -6.69
CA ARG B 78 -11.96 27.96 -8.00
C ARG B 78 -11.23 26.82 -8.69
N ASN B 79 -9.93 26.70 -8.42
CA ASN B 79 -9.10 25.65 -9.00
C ASN B 79 -7.74 25.68 -8.32
N VAL B 80 -6.88 24.73 -8.68
CA VAL B 80 -5.54 24.58 -8.13
C VAL B 80 -4.78 25.87 -7.89
N ALA B 81 -4.74 26.74 -8.89
CA ALA B 81 -4.02 27.99 -8.72
C ALA B 81 -4.41 28.80 -7.49
N ASP B 82 -5.70 28.81 -7.15
CA ASP B 82 -6.18 29.53 -5.98
C ASP B 82 -5.74 28.89 -4.70
N VAL B 83 -5.65 27.57 -4.78
CA VAL B 83 -5.25 26.81 -3.63
C VAL B 83 -3.81 27.24 -3.37
N GLN B 84 -2.97 27.17 -4.40
CA GLN B 84 -1.59 27.58 -4.22
C GLN B 84 -1.49 28.96 -3.58
N SER B 85 -2.33 29.86 -4.07
CA SER B 85 -2.37 31.23 -3.61
C SER B 85 -2.87 31.42 -2.18
N ILE B 86 -3.94 30.71 -1.89
CA ILE B 86 -4.53 30.79 -0.57
C ILE B 86 -3.45 30.29 0.39
N VAL B 87 -2.76 29.25 -0.07
CA VAL B 87 -1.70 28.68 0.74
C VAL B 87 -0.63 29.69 1.10
N GLY B 88 -0.20 30.44 0.10
CA GLY B 88 0.82 31.44 0.35
C GLY B 88 0.34 32.51 1.33
N LEU B 89 -0.90 32.97 1.19
CA LEU B 89 -1.34 33.98 2.14
C LEU B 89 -1.35 33.39 3.55
N ALA B 90 -1.87 32.17 3.64
CA ALA B 90 -1.94 31.49 4.91
C ALA B 90 -0.57 31.55 5.60
N ASN B 91 0.48 31.36 4.81
CA ASN B 91 1.82 31.40 5.37
C ASN B 91 2.17 32.79 5.85
N LYS B 92 1.78 33.81 5.09
CA LYS B 92 2.11 35.15 5.53
C LYS B 92 1.50 35.45 6.89
N PHE B 93 0.25 35.02 7.12
CA PHE B 93 -0.44 35.22 8.39
C PHE B 93 -0.39 34.08 9.41
N SER B 94 0.11 32.93 8.98
CA SER B 94 0.18 31.79 9.88
C SER B 94 -1.24 31.37 10.25
N PHE B 95 -2.15 31.63 9.34
CA PHE B 95 -3.56 31.28 9.51
C PHE B 95 -3.76 29.78 9.23
N PRO B 96 -4.44 29.06 10.12
CA PRO B 96 -4.65 27.64 9.85
C PRO B 96 -5.79 27.28 8.91
N LEU B 97 -5.45 26.41 7.98
CA LEU B 97 -6.35 25.85 6.96
C LEU B 97 -6.85 24.48 7.40
N TRP B 98 -7.97 24.04 6.88
CA TRP B 98 -8.49 22.73 7.23
C TRP B 98 -9.25 22.42 5.96
N PRO B 99 -8.65 21.61 5.11
CA PRO B 99 -9.24 21.21 3.85
C PRO B 99 -10.32 20.16 3.95
N ILE B 100 -11.21 20.14 2.97
CA ILE B 100 -12.28 19.14 2.96
C ILE B 100 -12.78 19.12 1.54
N SER B 101 -13.28 17.97 1.11
CA SER B 101 -13.81 17.83 -0.23
C SER B 101 -15.33 17.91 -0.13
N ILE B 102 -15.89 17.01 0.68
CA ILE B 102 -17.33 17.00 0.85
C ILE B 102 -18.03 17.61 2.02
N GLY B 103 -17.44 17.37 3.17
CA GLY B 103 -17.98 17.84 4.44
C GLY B 103 -18.79 16.68 5.04
N ARG B 104 -18.94 15.60 4.26
CA ARG B 104 -19.65 14.39 4.64
C ARG B 104 -19.23 13.45 5.75
N ASN B 105 -18.05 13.74 6.28
CA ASN B 105 -17.44 12.96 7.34
C ASN B 105 -18.11 12.91 8.72
N SER B 106 -19.44 12.98 8.77
CA SER B 106 -20.17 12.92 10.05
C SER B 106 -19.87 11.69 10.89
N GLY B 107 -20.01 11.82 12.21
CA GLY B 107 -19.72 10.69 13.07
C GLY B 107 -18.20 10.63 13.24
N TYR B 108 -17.54 11.66 12.71
CA TYR B 108 -16.09 11.80 12.76
C TYR B 108 -15.80 13.31 12.80
N GLY B 109 -16.85 14.05 13.17
CA GLY B 109 -16.80 15.51 13.27
C GLY B 109 -17.26 16.41 12.12
N GLY B 110 -17.68 15.80 11.01
CA GLY B 110 -18.15 16.53 9.84
C GLY B 110 -17.10 17.51 9.33
N ALA B 111 -17.59 18.63 8.80
CA ALA B 111 -16.65 19.63 8.30
C ALA B 111 -15.85 20.46 9.31
N ALA B 112 -16.13 20.31 10.59
CA ALA B 112 -15.41 21.07 11.62
C ALA B 112 -13.90 20.85 11.70
N PRO B 113 -13.15 21.92 11.91
CA PRO B 113 -11.70 21.89 12.04
C PRO B 113 -11.31 21.61 13.51
N ARG B 114 -10.13 21.01 13.72
CA ARG B 114 -9.63 20.67 15.06
C ARG B 114 -9.41 21.94 15.87
N VAL B 115 -8.69 22.86 15.26
CA VAL B 115 -8.42 24.14 15.90
C VAL B 115 -9.44 25.17 15.40
N SER B 116 -10.26 25.73 16.29
CA SER B 116 -11.25 26.73 15.91
C SER B 116 -10.77 28.07 15.34
N GLY B 117 -11.56 28.62 14.41
CA GLY B 117 -11.24 29.89 13.76
C GLY B 117 -10.40 29.68 12.50
N SER B 118 -10.21 28.42 12.13
CA SER B 118 -9.45 28.08 10.95
C SER B 118 -10.33 28.39 9.77
N VAL B 119 -9.69 28.55 8.63
CA VAL B 119 -10.44 28.82 7.42
C VAL B 119 -10.67 27.43 6.88
N VAL B 120 -11.88 27.14 6.43
CA VAL B 120 -12.08 25.81 5.90
C VAL B 120 -12.02 25.78 4.39
N LEU B 121 -11.11 25.01 3.80
CA LEU B 121 -11.16 25.01 2.35
C LEU B 121 -12.19 24.06 1.75
N ASP B 122 -13.17 24.61 1.03
CA ASP B 122 -14.15 23.74 0.43
C ASP B 122 -13.50 23.37 -0.87
N MET B 123 -12.81 22.25 -0.88
CA MET B 123 -12.16 21.87 -2.12
C MET B 123 -13.21 21.43 -3.14
N GLY B 124 -14.27 20.83 -2.63
CA GLY B 124 -15.34 20.30 -3.46
C GLY B 124 -16.24 21.14 -4.38
N LYS B 125 -16.66 22.30 -3.89
CA LYS B 125 -17.54 23.18 -4.64
C LYS B 125 -17.11 23.36 -6.08
N ASN B 126 -15.98 24.01 -6.27
CA ASN B 126 -15.51 24.24 -7.63
C ASN B 126 -14.77 23.19 -8.41
N MET B 127 -13.98 22.37 -7.72
CA MET B 127 -13.21 21.32 -8.36
C MET B 127 -14.18 20.19 -8.11
N ASN B 128 -15.06 20.02 -9.09
CA ASN B 128 -16.12 19.02 -9.05
C ASN B 128 -16.01 17.90 -10.09
N ARG B 129 -15.14 18.12 -11.07
CA ARG B 129 -14.90 17.24 -12.21
C ARG B 129 -14.43 15.80 -12.27
N VAL B 130 -15.08 14.99 -13.10
CA VAL B 130 -14.66 13.61 -13.26
C VAL B 130 -13.73 13.82 -14.45
N LEU B 131 -12.44 13.83 -14.18
CA LEU B 131 -11.40 14.04 -15.17
C LEU B 131 -11.16 12.95 -16.18
N GLU B 132 -11.53 11.73 -15.87
CA GLU B 132 -11.30 10.67 -16.84
C GLU B 132 -11.80 9.32 -16.39
N VAL B 133 -12.16 8.53 -17.40
CA VAL B 133 -12.65 7.17 -17.18
C VAL B 133 -12.06 6.44 -18.36
N ASN B 134 -11.30 5.39 -18.03
CA ASN B 134 -10.60 4.58 -19.00
C ASN B 134 -10.94 3.12 -18.72
N VAL B 135 -11.52 2.58 -19.79
CA VAL B 135 -12.02 1.22 -19.87
C VAL B 135 -10.92 0.16 -19.91
N GLU B 136 -9.88 0.43 -20.68
CA GLU B 136 -8.81 -0.56 -20.75
C GLU B 136 -7.97 -0.63 -19.47
N GLY B 137 -7.75 0.52 -18.85
CA GLY B 137 -6.98 0.62 -17.61
C GLY B 137 -7.91 0.31 -16.45
N ALA B 138 -9.21 0.41 -16.72
CA ALA B 138 -10.23 0.15 -15.72
C ALA B 138 -10.06 1.04 -14.50
N TYR B 139 -9.93 2.32 -14.77
CA TYR B 139 -9.78 3.26 -13.67
C TYR B 139 -10.33 4.58 -14.20
N CYS B 140 -10.38 5.57 -13.32
CA CYS B 140 -10.87 6.91 -13.63
C CYS B 140 -10.09 7.88 -12.74
N VAL B 141 -10.25 9.17 -12.97
CA VAL B 141 -9.51 10.14 -12.17
C VAL B 141 -10.50 11.16 -11.71
N VAL B 142 -10.27 11.69 -10.51
CA VAL B 142 -11.21 12.63 -9.95
C VAL B 142 -10.78 13.76 -9.04
N GLU B 143 -11.58 14.81 -9.05
CA GLU B 143 -11.29 15.92 -8.18
C GLU B 143 -12.07 15.72 -6.90
N PRO B 144 -11.75 16.57 -5.94
CA PRO B 144 -12.40 16.49 -4.66
C PRO B 144 -13.90 16.53 -4.67
N GLY B 145 -14.44 17.25 -5.65
CA GLY B 145 -15.88 17.42 -5.85
C GLY B 145 -16.76 16.22 -6.16
N VAL B 146 -16.22 15.23 -6.86
CA VAL B 146 -17.02 14.06 -7.19
C VAL B 146 -17.52 13.13 -6.06
N THR B 147 -18.83 13.02 -5.86
CA THR B 147 -19.37 12.15 -4.82
C THR B 147 -19.55 10.83 -5.54
N TYR B 148 -19.84 9.79 -4.78
CA TYR B 148 -20.03 8.48 -5.40
C TYR B 148 -21.20 8.55 -6.38
N HIS B 149 -22.35 9.07 -5.93
CA HIS B 149 -23.48 9.17 -6.83
C HIS B 149 -23.11 9.81 -8.12
N ASP B 150 -22.33 10.89 -8.02
CA ASP B 150 -21.93 11.56 -9.23
C ASP B 150 -21.26 10.64 -10.22
N LEU B 151 -20.23 9.95 -9.73
CA LEU B 151 -19.48 9.02 -10.57
C LEU B 151 -20.37 7.97 -11.19
N HIS B 152 -21.24 7.44 -10.34
CA HIS B 152 -22.16 6.42 -10.80
C HIS B 152 -22.95 7.01 -11.94
N ASN B 153 -23.48 8.22 -11.76
CA ASN B 153 -24.24 8.78 -12.86
C ASN B 153 -23.39 8.91 -14.12
N TYR B 154 -22.21 9.50 -13.98
CA TYR B 154 -21.36 9.66 -15.15
C TYR B 154 -21.07 8.37 -15.88
N LEU B 155 -21.00 7.28 -15.14
CA LEU B 155 -20.73 6.02 -15.81
C LEU B 155 -21.98 5.65 -16.56
N GLU B 156 -23.11 5.86 -15.89
CA GLU B 156 -24.44 5.54 -16.44
C GLU B 156 -24.86 6.43 -17.61
N ALA B 157 -24.50 7.70 -17.51
CA ALA B 157 -24.86 8.62 -18.57
C ALA B 157 -24.11 8.13 -19.79
N ASN B 158 -22.84 7.85 -19.56
CA ASN B 158 -21.96 7.37 -20.61
C ASN B 158 -22.14 5.92 -21.00
N ASN B 159 -23.15 5.28 -20.42
CA ASN B 159 -23.42 3.88 -20.74
C ASN B 159 -22.34 2.88 -20.37
N LEU B 160 -21.36 3.40 -19.64
CA LEU B 160 -20.21 2.65 -19.16
C LEU B 160 -20.52 1.70 -18.02
N ARG B 161 -21.67 1.85 -17.38
CA ARG B 161 -22.01 1.00 -16.25
C ARG B 161 -21.94 -0.49 -16.56
N ASP B 162 -22.09 -0.85 -17.83
CA ASP B 162 -22.02 -2.27 -18.15
C ASP B 162 -20.57 -2.77 -18.17
N LYS B 163 -19.66 -1.84 -18.43
CA LYS B 163 -18.19 -2.03 -18.50
C LYS B 163 -17.41 -1.99 -17.17
N LEU B 164 -17.85 -1.14 -16.25
CA LEU B 164 -17.17 -0.98 -14.98
C LEU B 164 -18.08 -0.57 -13.83
N TRP B 165 -17.89 -1.23 -12.71
CA TRP B 165 -18.64 -0.99 -11.48
C TRP B 165 -17.89 -0.14 -10.45
N LEU B 166 -18.62 0.70 -9.72
CA LEU B 166 -18.02 1.52 -8.68
C LEU B 166 -18.13 0.78 -7.37
N ASP B 167 -17.18 0.94 -6.44
CA ASP B 167 -17.28 0.29 -5.12
C ASP B 167 -17.89 1.35 -4.25
N VAL B 168 -18.70 0.99 -3.26
CA VAL B 168 -19.22 2.09 -2.49
C VAL B 168 -19.45 1.74 -1.05
N PRO B 169 -19.28 2.77 -0.21
CA PRO B 169 -19.48 2.68 1.22
C PRO B 169 -21.00 2.69 1.26
N ASP B 170 -21.59 2.88 2.43
CA ASP B 170 -23.04 2.90 2.47
C ASP B 170 -23.75 4.09 1.84
N LEU B 171 -23.84 5.17 2.62
CA LEU B 171 -24.49 6.39 2.16
C LEU B 171 -23.59 6.76 0.99
N GLY B 172 -24.17 6.94 -0.19
CA GLY B 172 -23.47 7.32 -1.43
C GLY B 172 -23.06 8.81 -1.63
N GLY B 173 -23.32 9.65 -0.63
CA GLY B 173 -22.99 11.06 -0.75
C GLY B 173 -21.53 11.48 -0.63
N GLY B 174 -20.73 10.72 0.13
CA GLY B 174 -19.32 11.05 0.34
C GLY B 174 -18.46 11.38 -0.87
N SER B 175 -17.31 12.01 -0.61
CA SER B 175 -16.39 12.36 -1.68
C SER B 175 -15.60 11.10 -2.02
N VAL B 176 -15.46 10.75 -3.28
CA VAL B 176 -14.70 9.54 -3.59
C VAL B 176 -13.27 9.64 -3.09
N LEU B 177 -12.63 10.79 -3.25
CA LEU B 177 -11.27 10.85 -2.76
C LEU B 177 -11.20 11.13 -1.25
N GLY B 178 -12.16 11.91 -0.76
CA GLY B 178 -12.14 12.22 0.65
C GLY B 178 -12.24 10.92 1.39
N ASN B 179 -13.09 10.02 0.93
CA ASN B 179 -13.18 8.77 1.65
C ASN B 179 -11.89 7.99 1.48
N ALA B 180 -11.32 8.03 0.28
CA ALA B 180 -10.10 7.29 0.07
C ALA B 180 -8.87 7.72 0.84
N VAL B 181 -8.70 9.01 1.08
CA VAL B 181 -7.50 9.43 1.83
C VAL B 181 -7.68 9.03 3.30
N GLU B 182 -8.93 8.92 3.69
CA GLU B 182 -9.30 8.55 5.03
C GLU B 182 -9.18 7.05 5.20
N ARG B 183 -9.08 6.31 4.08
CA ARG B 183 -8.96 4.85 4.11
C ARG B 183 -10.27 4.21 4.52
N GLY B 184 -11.36 4.74 3.99
CA GLY B 184 -12.67 4.21 4.31
C GLY B 184 -12.92 2.89 3.60
N VAL B 185 -13.84 2.14 4.20
CA VAL B 185 -14.29 0.84 3.74
C VAL B 185 -15.45 0.90 2.74
N GLY B 186 -15.46 -0.08 1.84
CA GLY B 186 -16.46 -0.21 0.79
C GLY B 186 -16.89 -1.69 0.75
N TYR B 187 -17.99 -1.98 0.05
CA TYR B 187 -18.49 -3.34 -0.01
C TYR B 187 -18.14 -4.42 -1.04
N THR B 188 -17.77 -4.03 -2.26
CA THR B 188 -17.44 -5.02 -3.30
C THR B 188 -16.03 -5.56 -3.03
N PRO B 189 -15.46 -6.26 -4.00
CA PRO B 189 -14.11 -6.79 -3.82
C PRO B 189 -13.12 -5.64 -3.75
N TYR B 190 -13.49 -4.51 -4.33
CA TYR B 190 -12.65 -3.33 -4.31
C TYR B 190 -12.94 -2.51 -3.08
N GLY B 191 -13.42 -3.19 -2.06
CA GLY B 191 -13.78 -2.51 -0.82
C GLY B 191 -12.72 -1.71 -0.08
N ASP B 192 -11.44 -2.05 -0.23
CA ASP B 192 -10.35 -1.31 0.46
C ASP B 192 -10.14 -0.04 -0.38
N HIS B 193 -10.70 1.10 0.04
CA HIS B 193 -10.49 2.24 -0.83
C HIS B 193 -9.07 2.73 -1.04
N TRP B 194 -8.35 2.92 0.05
CA TRP B 194 -6.99 3.39 -0.11
C TRP B 194 -6.15 2.43 -0.94
N MET B 195 -6.42 1.15 -0.79
CA MET B 195 -5.65 0.20 -1.54
C MET B 195 -5.77 0.42 -3.04
N MET B 196 -6.99 0.67 -3.47
CA MET B 196 -7.28 0.87 -4.88
C MET B 196 -6.89 2.13 -5.64
N HIS B 197 -6.13 3.03 -5.01
CA HIS B 197 -5.74 4.26 -5.70
C HIS B 197 -4.41 4.11 -6.44
N SER B 198 -4.08 5.09 -7.28
CA SER B 198 -2.82 5.06 -8.04
C SER B 198 -2.57 6.43 -8.66
N GLY B 199 -1.50 7.09 -8.22
CA GLY B 199 -1.12 8.43 -8.67
C GLY B 199 -2.00 9.49 -7.99
N MET B 200 -1.37 10.50 -7.41
CA MET B 200 -2.14 11.54 -6.74
C MET B 200 -1.47 12.86 -7.06
N GLU B 201 -2.15 13.94 -6.71
CA GLU B 201 -1.56 15.22 -6.97
C GLU B 201 -1.93 15.96 -5.72
N VAL B 202 -1.00 16.79 -5.26
CA VAL B 202 -1.24 17.53 -4.02
C VAL B 202 -0.41 18.81 -3.88
N VAL B 203 -0.96 19.77 -3.16
CA VAL B 203 -0.27 21.04 -2.92
C VAL B 203 0.49 20.96 -1.59
N LEU B 204 1.78 21.23 -1.62
CA LEU B 204 2.60 21.20 -0.42
C LEU B 204 2.31 22.45 0.39
N ALA B 205 2.80 22.49 1.62
CA ALA B 205 2.54 23.67 2.44
C ALA B 205 3.15 24.88 1.81
N ASN B 206 4.21 24.68 1.04
CA ASN B 206 4.90 25.76 0.34
C ASN B 206 4.19 26.12 -0.97
N GLY B 207 3.06 25.47 -1.23
CA GLY B 207 2.30 25.74 -2.44
C GLY B 207 2.80 25.11 -3.73
N GLU B 208 3.91 24.36 -3.65
CA GLU B 208 4.45 23.71 -4.84
C GLU B 208 3.64 22.47 -5.19
N LEU B 209 3.50 22.20 -6.49
CA LEU B 209 2.75 21.02 -6.94
C LEU B 209 3.57 19.77 -6.94
N LEU B 210 2.88 18.66 -6.78
CA LEU B 210 3.59 17.40 -6.77
C LEU B 210 2.75 16.20 -7.18
N ARG B 211 3.12 15.51 -8.27
CA ARG B 211 2.39 14.31 -8.63
C ARG B 211 3.14 13.16 -7.97
N THR B 212 2.51 12.00 -7.74
CA THR B 212 3.23 10.92 -7.07
C THR B 212 3.24 9.64 -7.87
N GLY B 213 4.06 8.70 -7.42
CA GLY B 213 4.16 7.42 -8.11
C GLY B 213 4.61 7.72 -9.51
N MET B 214 4.06 6.99 -10.46
CA MET B 214 4.36 7.23 -11.86
C MET B 214 3.86 8.61 -12.27
N GLY B 215 3.09 9.25 -11.38
CA GLY B 215 2.53 10.59 -11.64
C GLY B 215 3.68 11.52 -12.04
N ALA B 216 4.84 11.26 -11.45
CA ALA B 216 6.10 11.97 -11.64
C ALA B 216 6.78 11.84 -13.00
N LEU B 217 6.54 10.73 -13.68
CA LEU B 217 7.17 10.59 -14.98
C LEU B 217 6.27 11.39 -15.88
N PRO B 218 6.83 12.45 -16.44
CA PRO B 218 6.11 13.34 -17.32
C PRO B 218 5.65 12.82 -18.68
N ASP B 219 4.43 13.20 -19.08
CA ASP B 219 3.89 12.79 -20.38
C ASP B 219 4.71 13.60 -21.39
N PRO B 220 5.24 12.91 -22.39
CA PRO B 220 6.04 13.58 -23.42
C PRO B 220 5.27 14.74 -24.05
N LYS B 221 6.01 15.74 -24.50
CA LYS B 221 5.37 16.90 -25.11
C LYS B 221 4.92 16.83 -26.55
N ARG B 222 3.62 16.90 -26.76
CA ARG B 222 3.02 16.90 -28.08
C ARG B 222 2.66 18.37 -28.33
N PRO B 223 2.47 18.78 -29.58
CA PRO B 223 2.15 20.17 -29.89
C PRO B 223 0.85 20.65 -29.25
N GLU B 224 -0.09 19.71 -29.10
CA GLU B 224 -1.38 19.99 -28.48
C GLU B 224 -1.41 20.37 -26.98
N THR B 225 -0.44 19.82 -26.26
CA THR B 225 -0.28 20.03 -24.83
C THR B 225 0.65 21.17 -24.43
N MET B 226 1.19 21.87 -25.41
CA MET B 226 2.10 22.96 -25.08
C MET B 226 1.44 24.07 -24.28
N GLY B 227 2.25 24.82 -23.53
CA GLY B 227 1.74 25.91 -22.74
C GLY B 227 0.87 25.61 -21.51
N LEU B 228 0.24 24.44 -21.45
CA LEU B 228 -0.60 24.11 -20.29
C LEU B 228 0.04 24.33 -18.93
N LYS B 229 -0.76 24.82 -17.99
CA LYS B 229 -0.23 25.03 -16.67
C LYS B 229 -0.05 23.60 -16.15
N PRO B 230 0.83 23.40 -15.19
CA PRO B 230 1.05 22.08 -14.64
C PRO B 230 -0.21 21.39 -14.19
N GLU B 231 -0.99 22.09 -13.39
CA GLU B 231 -2.22 21.47 -12.90
C GLU B 231 -3.14 20.89 -13.95
N ASP B 232 -3.08 21.48 -15.14
CA ASP B 232 -3.84 21.11 -16.32
C ASP B 232 -3.14 20.13 -17.24
N GLN B 233 -1.85 19.88 -17.01
CA GLN B 233 -1.10 18.96 -17.87
C GLN B 233 -1.54 17.52 -17.66
N PRO B 234 -1.45 16.74 -18.73
CA PRO B 234 -1.83 15.34 -18.66
C PRO B 234 -0.87 14.42 -17.92
N TRP B 235 -1.40 13.33 -17.40
CA TRP B 235 -0.57 12.35 -16.71
C TRP B 235 0.04 11.40 -17.75
N SER B 236 1.15 10.75 -17.39
CA SER B 236 1.79 9.81 -18.31
C SER B 236 0.94 8.54 -18.34
N LYS B 237 1.14 7.74 -19.38
CA LYS B 237 0.37 6.50 -19.52
C LYS B 237 0.31 5.55 -18.36
N ILE B 238 1.45 5.37 -17.72
CA ILE B 238 1.48 4.45 -16.60
C ILE B 238 1.01 5.00 -15.24
N ALA B 239 0.95 6.32 -15.08
CA ALA B 239 0.57 6.91 -13.79
C ALA B 239 -0.52 6.25 -12.96
N HIS B 240 -1.65 5.96 -13.60
CA HIS B 240 -2.78 5.33 -12.94
C HIS B 240 -2.85 3.82 -12.89
N LEU B 241 -1.88 3.21 -13.56
CA LEU B 241 -1.74 1.77 -13.65
C LEU B 241 -0.78 1.07 -12.67
N PHE B 242 0.16 1.79 -12.08
CA PHE B 242 1.15 1.22 -11.15
C PHE B 242 1.49 2.32 -10.20
N PRO B 243 1.14 2.02 -8.97
CA PRO B 243 1.31 2.91 -7.85
C PRO B 243 2.69 3.23 -7.33
N TYR B 244 3.59 2.26 -7.33
CA TYR B 244 4.94 2.46 -6.84
C TYR B 244 5.95 3.43 -7.43
N GLY B 245 5.94 3.65 -8.74
CA GLY B 245 6.95 4.59 -9.21
C GLY B 245 8.38 4.10 -8.98
N PHE B 246 9.23 4.97 -8.47
CA PHE B 246 10.60 4.60 -8.23
C PHE B 246 11.00 5.38 -7.01
N GLY B 247 11.93 4.84 -6.21
CA GLY B 247 12.42 5.48 -4.99
C GLY B 247 11.38 5.35 -3.89
N PRO B 248 11.37 6.19 -2.86
CA PRO B 248 10.37 6.05 -1.81
C PRO B 248 8.91 6.15 -2.23
N TYR B 249 8.09 5.36 -1.57
CA TYR B 249 6.68 5.37 -1.87
C TYR B 249 5.96 6.24 -0.83
N ILE B 250 5.92 7.55 -1.11
CA ILE B 250 5.30 8.58 -0.27
C ILE B 250 3.80 8.74 -0.06
N ASP B 251 3.00 8.15 -0.94
CA ASP B 251 1.54 8.25 -0.88
C ASP B 251 0.95 8.14 0.53
N GLY B 252 1.44 7.22 1.33
CA GLY B 252 0.92 7.07 2.68
C GLY B 252 1.02 8.32 3.52
N LEU B 253 2.03 9.14 3.27
CA LEU B 253 2.17 10.36 4.06
C LEU B 253 0.92 11.19 3.85
N PHE B 254 0.21 10.88 2.79
CA PHE B 254 -1.00 11.63 2.52
C PHE B 254 -2.32 11.14 3.05
N SER B 255 -2.34 9.95 3.66
CA SER B 255 -3.58 9.42 4.23
C SER B 255 -3.72 9.81 5.68
N GLN B 256 -4.90 10.25 6.08
CA GLN B 256 -5.13 10.62 7.48
C GLN B 256 -4.07 11.52 8.06
N SER B 257 -3.62 12.50 7.29
CA SER B 257 -2.58 13.41 7.76
C SER B 257 -2.59 14.80 7.15
N ASN B 258 -1.96 15.71 7.88
CA ASN B 258 -1.79 17.12 7.53
C ASN B 258 -0.61 17.48 6.63
N MET B 259 0.05 16.48 6.05
CA MET B 259 1.21 16.72 5.18
C MET B 259 0.97 17.58 3.94
N GLY B 260 -0.27 17.57 3.43
CA GLY B 260 -0.57 18.37 2.25
C GLY B 260 -2.03 18.28 1.81
N ILE B 261 -2.39 19.09 0.81
CA ILE B 261 -3.74 19.11 0.28
C ILE B 261 -3.82 18.27 -0.97
N VAL B 262 -4.79 17.36 -1.07
CA VAL B 262 -4.88 16.56 -2.29
C VAL B 262 -5.81 17.20 -3.30
N THR B 263 -5.41 17.25 -4.57
CA THR B 263 -6.23 17.83 -5.63
C THR B 263 -6.88 16.91 -6.67
N LYS B 264 -6.32 15.72 -6.84
CA LYS B 264 -6.88 14.80 -7.82
C LYS B 264 -6.35 13.46 -7.36
N ILE B 265 -6.91 12.39 -7.92
CA ILE B 265 -6.42 11.09 -7.51
C ILE B 265 -6.94 10.00 -8.45
N GLY B 266 -6.11 8.99 -8.70
CA GLY B 266 -6.43 7.85 -9.56
C GLY B 266 -7.08 6.77 -8.69
N ILE B 267 -8.16 6.18 -9.20
CA ILE B 267 -8.87 5.14 -8.48
C ILE B 267 -9.28 4.06 -9.41
N TRP B 268 -9.02 2.84 -8.96
CA TRP B 268 -9.38 1.75 -9.81
C TRP B 268 -10.87 1.48 -9.89
N LEU B 269 -11.29 0.69 -10.87
CA LEU B 269 -12.71 0.35 -11.06
C LEU B 269 -12.81 -1.11 -11.51
N MET B 270 -13.64 -1.85 -10.78
CA MET B 270 -13.82 -3.24 -11.11
C MET B 270 -14.58 -3.45 -12.41
N PRO B 271 -14.03 -4.31 -13.25
CA PRO B 271 -14.65 -4.62 -14.51
C PRO B 271 -15.87 -5.40 -14.10
N ASN B 272 -16.95 -5.23 -14.88
CA ASN B 272 -18.17 -5.95 -14.57
C ASN B 272 -17.83 -7.44 -14.54
N PRO B 273 -18.12 -8.05 -13.41
CA PRO B 273 -17.87 -9.47 -13.17
C PRO B 273 -18.68 -10.48 -13.97
N ARG B 274 -19.77 -10.03 -14.60
CA ARG B 274 -20.58 -10.96 -15.38
C ARG B 274 -21.35 -11.99 -14.54
N GLY B 275 -21.71 -11.63 -13.30
CA GLY B 275 -22.46 -12.52 -12.42
C GLY B 275 -22.66 -11.88 -11.06
N TYR B 276 -23.78 -12.11 -10.41
CA TYR B 276 -23.99 -11.51 -9.09
C TYR B 276 -25.23 -12.02 -8.42
N GLN B 277 -25.13 -12.13 -7.10
CA GLN B 277 -26.25 -12.59 -6.32
C GLN B 277 -25.83 -12.31 -4.90
N SER B 278 -26.62 -11.48 -4.25
CA SER B 278 -26.37 -11.12 -2.86
C SER B 278 -26.98 -12.29 -2.10
N TYR B 279 -26.76 -12.36 -0.79
CA TYR B 279 -27.33 -13.47 -0.03
C TYR B 279 -27.32 -13.01 1.41
N LEU B 280 -27.95 -13.82 2.26
CA LEU B 280 -28.03 -13.51 3.67
C LEU B 280 -28.05 -14.81 4.43
N ILE B 281 -27.61 -14.76 5.68
CA ILE B 281 -27.57 -15.95 6.50
C ILE B 281 -27.79 -15.36 7.88
N THR B 282 -28.92 -15.77 8.43
CA THR B 282 -29.30 -15.29 9.75
C THR B 282 -28.74 -16.22 10.82
N LEU B 283 -28.08 -15.64 11.82
CA LEU B 283 -27.54 -16.46 12.89
C LEU B 283 -28.59 -16.33 13.99
N PRO B 284 -29.12 -17.43 14.49
CA PRO B 284 -30.16 -17.34 15.52
C PRO B 284 -29.79 -16.73 16.87
N LYS B 285 -28.80 -17.33 17.53
CA LYS B 285 -28.36 -16.85 18.83
C LYS B 285 -27.32 -15.72 18.89
N ASP B 286 -27.16 -15.07 20.05
CA ASP B 286 -26.20 -13.99 20.29
C ASP B 286 -24.80 -14.59 20.24
N GLY B 287 -24.59 -15.68 20.99
CA GLY B 287 -23.32 -16.39 21.05
C GLY B 287 -22.88 -16.98 19.71
N ASP B 288 -23.79 -17.15 18.78
CA ASP B 288 -23.38 -17.69 17.49
C ASP B 288 -22.35 -16.82 16.77
N LEU B 289 -22.16 -15.60 17.26
CA LEU B 289 -21.21 -14.67 16.67
C LEU B 289 -19.88 -15.41 16.61
N LYS B 290 -19.53 -16.00 17.74
CA LYS B 290 -18.29 -16.76 17.84
C LYS B 290 -18.08 -17.84 16.81
N GLN B 291 -18.94 -18.84 16.74
CA GLN B 291 -18.64 -19.83 15.71
C GLN B 291 -18.68 -19.23 14.33
N ALA B 292 -19.54 -18.24 14.14
CA ALA B 292 -19.64 -17.63 12.83
C ALA B 292 -18.31 -17.07 12.32
N VAL B 293 -17.67 -16.29 13.19
CA VAL B 293 -16.40 -15.66 12.86
C VAL B 293 -15.38 -16.73 12.51
N ASP B 294 -15.32 -17.78 13.31
CA ASP B 294 -14.38 -18.85 13.04
C ASP B 294 -14.62 -19.52 11.71
N ILE B 295 -15.88 -19.76 11.39
CA ILE B 295 -16.23 -20.40 10.14
C ILE B 295 -15.81 -19.53 8.98
N ILE B 296 -15.85 -18.23 9.23
CA ILE B 296 -15.48 -17.30 8.19
C ILE B 296 -14.01 -17.13 7.88
N ARG B 297 -13.20 -17.13 8.93
CA ARG B 297 -11.77 -16.95 8.83
C ARG B 297 -11.13 -17.64 7.61
N PRO B 298 -11.34 -18.94 7.50
CA PRO B 298 -10.81 -19.70 6.40
C PRO B 298 -11.48 -19.39 5.07
N LEU B 299 -12.76 -19.05 5.15
CA LEU B 299 -13.48 -18.73 3.91
C LEU B 299 -12.96 -17.41 3.32
N ARG B 300 -12.46 -16.56 4.20
CA ARG B 300 -11.90 -15.31 3.72
C ARG B 300 -10.55 -15.53 3.09
N LEU B 301 -9.61 -16.11 3.83
CA LEU B 301 -8.29 -16.34 3.29
C LEU B 301 -8.33 -17.19 2.04
N GLY B 302 -9.19 -18.20 2.06
CA GLY B 302 -9.35 -19.10 0.92
C GLY B 302 -10.05 -18.51 -0.31
N MET B 303 -10.53 -17.29 -0.17
CA MET B 303 -11.23 -16.65 -1.26
C MET B 303 -12.65 -17.12 -1.58
N ALA B 304 -13.25 -17.86 -0.64
CA ALA B 304 -14.60 -18.35 -0.81
C ALA B 304 -15.50 -17.09 -0.81
N LEU B 305 -15.27 -16.24 0.18
CA LEU B 305 -15.94 -14.97 0.37
C LEU B 305 -15.19 -13.94 -0.45
N GLN B 306 -15.80 -13.47 -1.53
CA GLN B 306 -15.15 -12.52 -2.41
C GLN B 306 -14.98 -11.05 -2.02
N ASN B 307 -16.10 -10.40 -1.69
CA ASN B 307 -16.17 -9.00 -1.30
C ASN B 307 -16.02 -8.84 0.21
N VAL B 308 -16.19 -7.62 0.68
CA VAL B 308 -16.11 -7.34 2.12
C VAL B 308 -17.50 -7.62 2.72
N PRO B 309 -17.71 -8.80 3.28
CA PRO B 309 -19.01 -9.14 3.88
C PRO B 309 -19.09 -8.46 5.24
N THR B 310 -20.28 -8.46 5.84
CA THR B 310 -20.37 -7.80 7.14
C THR B 310 -21.44 -8.46 7.96
N ILE B 311 -21.09 -8.63 9.23
CA ILE B 311 -21.98 -9.24 10.20
C ILE B 311 -22.72 -8.07 10.83
N ARG B 312 -24.04 -8.04 10.69
CA ARG B 312 -24.78 -6.94 11.30
C ARG B 312 -25.60 -7.27 12.56
N HIS B 313 -25.52 -6.40 13.56
CA HIS B 313 -26.25 -6.64 14.78
C HIS B 313 -27.75 -6.55 14.45
N ILE B 314 -28.59 -7.11 15.30
CA ILE B 314 -30.02 -7.06 15.02
C ILE B 314 -30.54 -5.63 15.04
N LEU B 315 -30.19 -4.88 16.07
CA LEU B 315 -30.67 -3.50 16.12
C LEU B 315 -30.35 -2.65 14.90
N LEU B 316 -29.20 -2.91 14.30
CA LEU B 316 -28.83 -2.11 13.14
C LEU B 316 -29.81 -2.28 12.00
N ASP B 317 -30.22 -3.52 11.75
CA ASP B 317 -31.17 -3.72 10.66
C ASP B 317 -32.54 -3.19 11.08
N ALA B 318 -32.83 -3.26 12.37
CA ALA B 318 -34.12 -2.76 12.78
C ALA B 318 -34.15 -1.25 12.72
N ALA B 319 -33.08 -0.61 13.19
CA ALA B 319 -33.01 0.84 13.20
C ALA B 319 -33.34 1.44 11.84
N VAL B 320 -32.94 0.69 10.83
CA VAL B 320 -33.19 1.08 9.44
C VAL B 320 -34.68 0.86 9.22
N LEU B 321 -35.21 -0.22 9.79
CA LEU B 321 -36.63 -0.52 9.66
C LEU B 321 -37.51 0.35 10.55
N GLY B 322 -36.96 0.77 11.69
CA GLY B 322 -37.73 1.60 12.60
C GLY B 322 -37.05 2.20 13.84
N ASP B 323 -37.74 3.22 14.33
CA ASP B 323 -37.42 4.04 15.48
C ASP B 323 -37.45 3.22 16.77
N LYS B 324 -36.64 3.57 17.75
CA LYS B 324 -36.67 2.78 18.98
C LYS B 324 -38.10 2.85 19.50
N ARG B 325 -38.73 4.01 19.31
CA ARG B 325 -40.12 4.20 19.77
C ARG B 325 -41.08 3.19 19.17
N SER B 326 -40.96 2.98 17.86
CA SER B 326 -41.79 1.99 17.20
C SER B 326 -41.59 0.55 17.64
N TYR B 327 -40.95 0.33 18.78
CA TYR B 327 -40.73 -1.03 19.25
C TYR B 327 -40.85 -1.17 20.76
N SER B 328 -40.57 -0.09 21.48
CA SER B 328 -40.67 -0.14 22.94
C SER B 328 -40.70 1.24 23.58
N SER B 329 -41.69 1.45 24.43
CA SER B 329 -41.86 2.71 25.13
C SER B 329 -40.70 2.89 26.10
N ARG B 330 -40.01 1.78 26.38
CA ARG B 330 -38.89 1.77 27.31
C ARG B 330 -37.87 2.88 26.98
N THR B 331 -37.28 3.46 28.00
CA THR B 331 -36.27 4.51 27.85
C THR B 331 -34.84 4.04 28.08
N GLU B 332 -34.65 2.73 28.25
CA GLU B 332 -33.33 2.17 28.51
C GLU B 332 -33.00 1.02 27.56
N PRO B 333 -31.75 0.59 27.60
CA PRO B 333 -31.33 -0.49 26.71
C PRO B 333 -32.25 -1.69 26.79
N LEU B 334 -32.66 -2.13 25.59
CA LEU B 334 -33.54 -3.27 25.45
C LEU B 334 -32.88 -4.57 25.88
N SER B 335 -33.64 -5.41 26.59
CA SER B 335 -33.15 -6.70 27.10
C SER B 335 -32.90 -7.74 26.02
N ASP B 336 -32.11 -8.76 26.40
CA ASP B 336 -31.81 -9.82 25.45
C ASP B 336 -33.17 -10.39 25.01
N GLU B 337 -34.10 -10.49 25.94
CA GLU B 337 -35.42 -11.03 25.61
C GLU B 337 -36.06 -10.20 24.49
N GLU B 338 -36.11 -8.89 24.71
CA GLU B 338 -36.70 -8.01 23.72
C GLU B 338 -36.03 -8.09 22.38
N LEU B 339 -34.72 -8.30 22.40
CA LEU B 339 -33.93 -8.41 21.17
C LEU B 339 -34.30 -9.68 20.43
N ASP B 340 -34.54 -10.75 21.18
CA ASP B 340 -34.91 -12.01 20.56
C ASP B 340 -36.27 -11.82 19.89
N LYS B 341 -37.12 -11.08 20.56
CA LYS B 341 -38.47 -10.81 20.08
C LYS B 341 -38.50 -10.11 18.71
N ILE B 342 -37.84 -8.96 18.64
CA ILE B 342 -37.83 -8.22 17.39
C ILE B 342 -37.27 -9.00 16.20
N ALA B 343 -36.28 -9.84 16.45
CA ALA B 343 -35.75 -10.59 15.33
C ALA B 343 -36.84 -11.53 14.84
N LYS B 344 -37.62 -12.04 15.79
CA LYS B 344 -38.67 -12.95 15.39
C LYS B 344 -39.61 -12.13 14.52
N GLN B 345 -39.95 -10.91 14.96
CA GLN B 345 -40.86 -10.07 14.17
C GLN B 345 -40.36 -9.78 12.76
N LEU B 346 -39.07 -9.50 12.68
CA LEU B 346 -38.39 -9.19 11.43
C LEU B 346 -37.82 -10.35 10.63
N ASN B 347 -37.89 -11.57 11.15
CA ASN B 347 -37.31 -12.68 10.41
C ASN B 347 -35.80 -12.82 10.28
N LEU B 348 -35.11 -11.99 11.07
CA LEU B 348 -33.67 -11.92 11.15
C LEU B 348 -33.14 -12.65 12.37
N GLY B 349 -31.83 -12.88 12.35
CA GLY B 349 -31.12 -13.56 13.43
C GLY B 349 -30.66 -12.50 14.45
N ARG B 350 -30.11 -12.96 15.57
CA ARG B 350 -29.64 -12.00 16.56
C ARG B 350 -28.34 -11.37 16.01
N TRP B 351 -27.86 -11.95 14.91
CA TRP B 351 -26.66 -11.54 14.15
C TRP B 351 -27.04 -11.92 12.71
N ASN B 352 -26.62 -11.11 11.74
CA ASN B 352 -26.96 -11.39 10.35
C ASN B 352 -25.82 -11.05 9.38
N PHE B 353 -25.38 -12.10 8.70
CA PHE B 353 -24.28 -12.06 7.75
C PHE B 353 -24.67 -11.83 6.31
N TYR B 354 -24.49 -10.60 5.83
CA TYR B 354 -24.79 -10.25 4.45
C TYR B 354 -23.44 -10.38 3.72
N GLY B 355 -23.43 -10.67 2.42
CA GLY B 355 -22.20 -10.80 1.63
C GLY B 355 -22.58 -11.07 0.18
N ALA B 356 -21.63 -11.47 -0.67
CA ALA B 356 -21.99 -11.73 -2.06
C ALA B 356 -21.06 -12.62 -2.86
N LEU B 357 -21.57 -12.96 -4.05
CA LEU B 357 -20.88 -13.83 -5.01
C LEU B 357 -20.87 -13.09 -6.33
N TYR B 358 -19.69 -13.16 -6.94
CA TYR B 358 -19.45 -12.48 -8.21
C TYR B 358 -18.72 -13.44 -9.12
N GLY B 359 -19.18 -13.54 -10.37
CA GLY B 359 -18.59 -14.41 -11.38
C GLY B 359 -19.62 -15.16 -12.24
N PRO B 360 -19.17 -16.03 -13.14
CA PRO B 360 -20.09 -16.80 -13.96
C PRO B 360 -20.72 -17.78 -13.00
N GLU B 361 -21.84 -18.32 -13.46
CA GLU B 361 -22.57 -19.26 -12.65
C GLU B 361 -21.81 -20.43 -12.06
N PRO B 362 -20.97 -21.10 -12.85
CA PRO B 362 -20.23 -22.23 -12.31
C PRO B 362 -19.37 -21.85 -11.11
N ILE B 363 -18.75 -20.68 -11.15
CA ILE B 363 -17.95 -20.36 -9.99
C ILE B 363 -18.97 -20.08 -8.89
N ARG B 364 -19.91 -19.19 -9.17
CA ARG B 364 -20.94 -18.84 -8.20
C ARG B 364 -21.62 -20.03 -7.53
N ARG B 365 -22.07 -20.99 -8.32
CA ARG B 365 -22.74 -22.16 -7.77
C ARG B 365 -21.78 -22.85 -6.83
N VAL B 366 -20.58 -23.09 -7.31
CA VAL B 366 -19.63 -23.78 -6.47
C VAL B 366 -19.34 -23.11 -5.13
N LEU B 367 -19.10 -21.79 -5.18
CA LEU B 367 -18.80 -21.08 -3.94
C LEU B 367 -20.02 -21.15 -3.03
N TRP B 368 -21.19 -20.92 -3.63
CA TRP B 368 -22.41 -20.95 -2.85
C TRP B 368 -22.53 -22.22 -2.03
N GLU B 369 -22.14 -23.33 -2.63
CA GLU B 369 -22.21 -24.58 -1.94
C GLU B 369 -21.33 -24.57 -0.71
N THR B 370 -20.07 -24.25 -0.94
CA THR B 370 -19.11 -24.25 0.13
C THR B 370 -19.56 -23.38 1.27
N ILE B 371 -20.04 -22.21 0.89
CA ILE B 371 -20.48 -21.29 1.89
C ILE B 371 -21.69 -21.80 2.67
N LYS B 372 -22.64 -22.37 1.95
CA LYS B 372 -23.82 -22.85 2.64
C LYS B 372 -23.44 -24.02 3.52
N ASP B 373 -22.71 -24.94 2.90
CA ASP B 373 -22.30 -26.12 3.63
C ASP B 373 -21.53 -25.74 4.86
N ALA B 374 -20.70 -24.73 4.69
CA ALA B 374 -19.88 -24.29 5.80
C ALA B 374 -20.63 -23.73 7.01
N PHE B 375 -21.54 -22.78 6.77
CA PHE B 375 -22.36 -22.15 7.81
C PHE B 375 -23.38 -23.12 8.42
N SER B 376 -23.66 -24.26 7.81
CA SER B 376 -24.64 -25.21 8.36
C SER B 376 -24.37 -25.75 9.75
N ALA B 377 -23.09 -25.90 10.09
CA ALA B 377 -22.69 -26.43 11.40
C ALA B 377 -23.43 -25.64 12.49
N ILE B 378 -23.80 -24.43 12.14
CA ILE B 378 -24.52 -23.56 13.06
C ILE B 378 -25.97 -24.00 13.06
N PRO B 379 -26.40 -24.40 14.24
CA PRO B 379 -27.76 -24.87 14.42
C PRO B 379 -28.69 -23.70 14.19
N GLY B 380 -29.75 -23.95 13.42
CA GLY B 380 -30.77 -22.93 13.09
C GLY B 380 -30.49 -21.86 12.04
N VAL B 381 -29.31 -21.93 11.40
CA VAL B 381 -29.00 -20.94 10.38
C VAL B 381 -30.09 -21.07 9.31
N LYS B 382 -30.30 -19.99 8.56
CA LYS B 382 -31.32 -19.91 7.50
C LYS B 382 -30.87 -18.93 6.42
N PHE B 383 -30.72 -19.45 5.21
CA PHE B 383 -30.27 -18.70 4.04
C PHE B 383 -31.22 -17.99 3.08
N TYR B 384 -31.29 -16.67 3.13
CA TYR B 384 -32.19 -16.02 2.17
C TYR B 384 -31.50 -15.28 1.02
N PHE B 385 -32.19 -15.23 -0.11
CA PHE B 385 -31.72 -14.50 -1.29
C PHE B 385 -32.58 -13.25 -1.19
N PRO B 386 -32.19 -12.17 -1.84
CA PRO B 386 -32.96 -10.95 -1.76
C PRO B 386 -34.43 -11.16 -2.13
N GLU B 387 -34.65 -11.96 -3.16
CA GLU B 387 -36.00 -12.24 -3.61
C GLU B 387 -36.83 -12.79 -2.46
N ASP B 388 -36.26 -13.76 -1.76
CA ASP B 388 -36.89 -14.43 -0.62
C ASP B 388 -37.22 -13.50 0.53
N THR B 389 -37.32 -12.20 0.28
CA THR B 389 -37.59 -11.35 1.43
C THR B 389 -38.52 -10.18 1.19
N PRO B 390 -39.03 -9.64 2.29
CA PRO B 390 -39.94 -8.50 2.21
C PRO B 390 -39.31 -7.35 1.45
N GLU B 391 -40.14 -6.65 0.70
CA GLU B 391 -39.74 -5.50 -0.11
C GLU B 391 -39.24 -4.23 0.57
N ASN B 392 -38.71 -4.41 1.77
CA ASN B 392 -38.21 -3.29 2.54
C ASN B 392 -36.91 -3.71 3.19
N SER B 393 -36.78 -5.03 3.30
CA SER B 393 -35.64 -5.71 3.89
C SER B 393 -34.33 -5.00 3.58
N VAL B 394 -33.46 -5.03 4.58
CA VAL B 394 -32.15 -4.41 4.48
C VAL B 394 -31.37 -5.12 3.39
N LEU B 395 -31.66 -6.41 3.20
CA LEU B 395 -30.97 -7.16 2.16
C LEU B 395 -31.27 -6.60 0.77
N ARG B 396 -32.53 -6.21 0.53
CA ARG B 396 -32.85 -5.67 -0.78
C ARG B 396 -32.08 -4.38 -1.04
N VAL B 397 -31.57 -3.80 0.03
CA VAL B 397 -30.81 -2.58 -0.09
C VAL B 397 -29.32 -2.87 -0.31
N ARG B 398 -28.75 -3.74 0.54
CA ARG B 398 -27.35 -4.05 0.39
C ARG B 398 -27.04 -4.69 -0.94
N ASP B 399 -28.07 -5.29 -1.53
CA ASP B 399 -27.92 -5.94 -2.83
C ASP B 399 -27.42 -4.90 -3.83
N LYS B 400 -27.83 -3.65 -3.65
CA LYS B 400 -27.38 -2.63 -4.58
C LYS B 400 -25.99 -2.19 -4.14
N THR B 401 -25.83 -2.05 -2.82
CA THR B 401 -24.56 -1.63 -2.26
C THR B 401 -23.45 -2.58 -2.67
N MET B 402 -23.71 -3.87 -2.54
CA MET B 402 -22.70 -4.84 -2.94
C MET B 402 -22.56 -4.97 -4.44
N GLN B 403 -23.03 -3.98 -5.19
CA GLN B 403 -22.90 -4.03 -6.63
C GLN B 403 -22.59 -2.62 -7.15
N GLY B 404 -22.16 -1.76 -6.22
CA GLY B 404 -21.82 -0.37 -6.53
C GLY B 404 -22.91 0.68 -6.66
N ILE B 405 -24.14 0.27 -6.39
CA ILE B 405 -25.26 1.19 -6.47
C ILE B 405 -25.38 1.92 -5.14
N PRO B 406 -25.26 3.24 -5.22
CA PRO B 406 -25.35 4.11 -4.06
C PRO B 406 -26.78 4.18 -3.56
N THR B 407 -26.97 4.54 -2.30
CA THR B 407 -28.34 4.62 -1.78
C THR B 407 -28.26 5.56 -0.59
N TYR B 408 -29.33 5.66 0.18
CA TYR B 408 -29.28 6.55 1.33
C TYR B 408 -30.30 6.02 2.30
N ASP B 409 -30.76 4.81 1.98
CA ASP B 409 -31.74 4.19 2.86
C ASP B 409 -31.07 4.05 4.21
N GLU B 410 -29.77 3.80 4.22
CA GLU B 410 -29.14 3.65 5.52
C GLU B 410 -29.19 4.74 6.59
N LEU B 411 -29.34 6.00 6.22
CA LEU B 411 -29.38 7.03 7.25
C LEU B 411 -30.49 6.82 8.26
N LYS B 412 -31.55 6.13 7.86
CA LYS B 412 -32.71 5.89 8.73
C LYS B 412 -32.29 5.39 10.09
N TRP B 413 -31.17 4.66 10.15
CA TRP B 413 -30.76 4.17 11.44
C TRP B 413 -30.33 5.29 12.38
N ILE B 414 -29.90 6.42 11.82
CA ILE B 414 -29.49 7.53 12.65
C ILE B 414 -30.68 7.94 13.49
N ASP B 415 -31.86 7.65 12.96
CA ASP B 415 -33.12 7.95 13.62
C ASP B 415 -33.64 7.13 14.80
N TRP B 416 -32.85 6.20 15.32
CA TRP B 416 -33.29 5.38 16.45
C TRP B 416 -33.79 6.26 17.59
N LEU B 417 -32.98 7.21 18.06
CA LEU B 417 -33.43 8.12 19.11
C LEU B 417 -34.08 9.33 18.46
N PRO B 418 -34.49 10.31 19.25
CA PRO B 418 -35.14 11.52 18.73
C PRO B 418 -34.20 12.32 17.85
N ASN B 419 -33.35 13.13 18.48
CA ASN B 419 -32.41 13.93 17.70
C ASN B 419 -31.21 13.04 17.42
N GLY B 420 -31.23 12.46 16.22
CA GLY B 420 -30.18 11.54 15.79
C GLY B 420 -28.82 12.17 15.58
N ALA B 421 -27.81 11.45 16.04
CA ALA B 421 -26.46 11.94 15.87
C ALA B 421 -25.61 10.71 16.02
N HIS B 422 -24.79 10.51 15.00
CA HIS B 422 -23.89 9.38 15.01
C HIS B 422 -22.50 9.60 15.59
N LEU B 423 -21.88 8.55 16.07
CA LEU B 423 -20.56 8.72 16.62
C LEU B 423 -20.01 7.32 16.55
N PHE B 424 -18.98 7.16 15.72
CA PHE B 424 -18.39 5.85 15.58
C PHE B 424 -17.20 5.47 16.44
N PHE B 425 -17.28 4.33 17.11
CA PHE B 425 -16.14 3.87 17.88
C PHE B 425 -15.69 2.80 16.89
N SER B 426 -14.39 2.68 16.57
CA SER B 426 -14.02 1.65 15.61
C SER B 426 -12.68 1.00 15.89
N PRO B 427 -12.73 -0.03 16.71
CA PRO B 427 -11.51 -0.74 17.04
C PRO B 427 -11.37 -1.84 16.01
N ILE B 428 -10.14 -2.31 15.83
CA ILE B 428 -9.86 -3.39 14.91
C ILE B 428 -9.87 -4.71 15.65
N ALA B 429 -10.25 -5.79 14.98
CA ALA B 429 -10.29 -7.07 15.66
C ALA B 429 -9.95 -8.22 14.75
N LYS B 430 -9.31 -9.20 15.36
CA LYS B 430 -8.90 -10.39 14.64
C LYS B 430 -10.10 -11.13 14.08
N VAL B 431 -9.83 -11.94 13.06
CA VAL B 431 -10.87 -12.74 12.45
C VAL B 431 -11.01 -13.99 13.31
N SER B 432 -11.29 -13.81 14.60
CA SER B 432 -11.44 -14.92 15.55
C SER B 432 -12.67 -14.81 16.42
N GLY B 433 -13.34 -15.94 16.59
CA GLY B 433 -14.54 -16.00 17.40
C GLY B 433 -14.21 -15.59 18.82
N GLU B 434 -13.06 -16.00 19.30
CA GLU B 434 -12.74 -15.63 20.67
C GLU B 434 -12.48 -14.16 20.89
N ASP B 435 -11.69 -13.58 19.99
CA ASP B 435 -11.32 -12.17 20.06
C ASP B 435 -12.55 -11.29 19.80
N ALA B 436 -13.33 -11.65 18.78
CA ALA B 436 -14.53 -10.88 18.44
C ALA B 436 -15.59 -10.97 19.53
N MET B 437 -15.58 -12.06 20.27
CA MET B 437 -16.57 -12.18 21.33
C MET B 437 -16.16 -11.27 22.50
N MET B 438 -14.88 -11.31 22.87
CA MET B 438 -14.43 -10.46 23.97
C MET B 438 -14.67 -8.98 23.65
N GLN B 439 -14.29 -8.55 22.45
CA GLN B 439 -14.48 -7.15 22.09
C GLN B 439 -15.93 -6.72 22.17
N TYR B 440 -16.82 -7.57 21.68
CA TYR B 440 -18.24 -7.24 21.71
C TYR B 440 -18.78 -7.03 23.11
N ALA B 441 -18.36 -7.93 24.00
CA ALA B 441 -18.79 -7.88 25.39
C ALA B 441 -18.26 -6.69 26.14
N VAL B 442 -17.05 -6.31 25.79
CA VAL B 442 -16.53 -5.17 26.48
C VAL B 442 -17.27 -3.92 26.01
N THR B 443 -17.39 -3.76 24.69
CA THR B 443 -18.10 -2.59 24.18
C THR B 443 -19.54 -2.56 24.65
N LYS B 444 -20.20 -3.71 24.72
CA LYS B 444 -21.58 -3.73 25.16
C LYS B 444 -21.82 -3.23 26.61
N LYS B 445 -21.10 -3.83 27.56
CA LYS B 445 -21.24 -3.45 28.96
C LYS B 445 -21.05 -1.96 29.18
N ARG B 446 -20.07 -1.38 28.50
CA ARG B 446 -19.85 0.04 28.69
C ARG B 446 -21.04 0.80 28.11
N CYS B 447 -21.63 0.26 27.06
CA CYS B 447 -22.77 0.91 26.44
C CYS B 447 -23.92 0.89 27.43
N GLN B 448 -24.10 -0.27 28.06
CA GLN B 448 -25.17 -0.42 29.03
C GLN B 448 -24.91 0.60 30.15
N GLU B 449 -23.67 0.67 30.65
CA GLU B 449 -23.32 1.61 31.72
C GLU B 449 -23.78 3.03 31.41
N ALA B 450 -23.70 3.38 30.13
CA ALA B 450 -24.10 4.70 29.66
C ALA B 450 -25.58 4.84 29.28
N GLY B 451 -26.31 3.74 29.48
CA GLY B 451 -27.71 3.76 29.15
C GLY B 451 -28.05 3.72 27.66
N LEU B 452 -27.10 3.34 26.82
CA LEU B 452 -27.37 3.29 25.39
C LEU B 452 -27.48 1.86 24.88
N ASP B 453 -28.24 1.68 23.81
CA ASP B 453 -28.39 0.35 23.22
C ASP B 453 -27.17 0.03 22.38
N PHE B 454 -26.58 -1.15 22.53
CA PHE B 454 -25.43 -1.45 21.70
C PHE B 454 -25.94 -1.66 20.29
N ILE B 455 -25.15 -1.19 19.33
CA ILE B 455 -25.46 -1.29 17.91
C ILE B 455 -24.13 -1.26 17.15
N GLY B 456 -23.96 -2.14 16.17
CA GLY B 456 -22.70 -2.19 15.40
C GLY B 456 -22.67 -3.23 14.27
N THR B 457 -21.56 -3.29 13.54
CA THR B 457 -21.46 -4.25 12.43
C THR B 457 -19.99 -4.48 12.23
N PHE B 458 -19.63 -5.73 11.99
CA PHE B 458 -18.24 -6.09 11.72
C PHE B 458 -18.12 -6.01 10.20
N THR B 459 -16.97 -5.58 9.69
CA THR B 459 -16.77 -5.49 8.24
C THR B 459 -15.52 -6.33 8.16
N VAL B 460 -15.68 -7.44 7.45
CA VAL B 460 -14.59 -8.38 7.29
C VAL B 460 -13.48 -8.22 6.25
N GLY B 461 -12.30 -7.85 6.72
CA GLY B 461 -11.16 -7.69 5.82
C GLY B 461 -10.53 -9.06 5.70
N MET B 462 -9.45 -9.21 4.94
CA MET B 462 -8.81 -10.52 4.83
C MET B 462 -8.35 -11.10 6.18
N ARG B 463 -7.45 -10.41 6.89
CA ARG B 463 -6.95 -10.89 8.19
C ARG B 463 -7.47 -10.16 9.41
N GLU B 464 -8.43 -9.28 9.20
CA GLU B 464 -8.99 -8.51 10.30
C GLU B 464 -10.41 -8.07 10.05
N MET B 465 -10.99 -7.50 11.10
CA MET B 465 -12.35 -7.00 11.00
C MET B 465 -12.32 -5.68 11.74
N HIS B 466 -13.02 -4.73 11.14
CA HIS B 466 -13.20 -3.37 11.63
C HIS B 466 -14.51 -3.54 12.39
N HIS B 467 -14.47 -3.39 13.71
CA HIS B 467 -15.68 -3.51 14.52
C HIS B 467 -16.18 -2.08 14.56
N ILE B 468 -17.37 -1.83 14.02
CA ILE B 468 -17.87 -0.48 14.07
C ILE B 468 -19.01 -0.18 15.03
N VAL B 469 -18.70 0.29 16.23
CA VAL B 469 -19.76 0.58 17.17
C VAL B 469 -20.45 1.87 16.74
N CYS B 470 -21.76 1.83 16.57
CA CYS B 470 -22.51 3.02 16.19
C CYS B 470 -23.16 3.69 17.40
N ILE B 471 -22.53 4.72 17.93
CA ILE B 471 -23.16 5.38 19.07
C ILE B 471 -24.22 6.38 18.64
N VAL B 472 -25.50 6.03 18.73
CA VAL B 472 -26.52 7.01 18.36
C VAL B 472 -26.89 7.70 19.64
N PHE B 473 -27.17 8.98 19.57
CA PHE B 473 -27.52 9.62 20.81
C PHE B 473 -28.21 10.87 20.38
N ASN B 474 -29.09 11.31 21.27
CA ASN B 474 -29.85 12.52 21.01
C ASN B 474 -29.00 13.76 21.22
N LYS B 475 -28.75 14.47 20.12
CA LYS B 475 -27.94 15.68 20.14
C LYS B 475 -28.41 16.87 20.97
N LYS B 476 -29.40 16.67 21.84
CA LYS B 476 -29.87 17.79 22.65
C LYS B 476 -29.82 17.54 24.15
N ASP B 477 -29.71 16.28 24.54
CA ASP B 477 -29.62 15.99 25.96
C ASP B 477 -28.17 16.28 26.30
N LEU B 478 -27.90 17.28 27.14
CA LEU B 478 -26.51 17.56 27.46
C LEU B 478 -25.90 16.46 28.30
N ILE B 479 -26.74 15.90 29.15
CA ILE B 479 -26.27 14.84 30.01
C ILE B 479 -25.86 13.59 29.23
N GLN B 480 -26.69 13.26 28.24
CA GLN B 480 -26.43 12.08 27.45
C GLN B 480 -25.07 12.30 26.78
N LYS B 481 -24.86 13.49 26.25
CA LYS B 481 -23.59 13.78 25.60
C LYS B 481 -22.45 13.48 26.54
N ARG B 482 -22.50 14.01 27.75
CA ARG B 482 -21.38 13.74 28.65
C ARG B 482 -21.20 12.26 28.86
N LYS B 483 -22.32 11.56 28.97
CA LYS B 483 -22.20 10.13 29.17
C LYS B 483 -21.49 9.57 27.95
N VAL B 484 -21.87 10.07 26.77
CA VAL B 484 -21.24 9.60 25.54
C VAL B 484 -19.76 9.87 25.50
N GLN B 485 -19.40 11.07 25.92
CA GLN B 485 -17.99 11.39 25.90
C GLN B 485 -17.33 10.39 26.82
N TRP B 486 -17.92 10.24 27.99
CA TRP B 486 -17.39 9.32 28.97
C TRP B 486 -17.31 7.94 28.30
N LEU B 487 -18.38 7.58 27.60
CA LEU B 487 -18.39 6.29 26.93
C LEU B 487 -17.20 6.10 26.01
N MET B 488 -17.00 7.04 25.09
CA MET B 488 -15.88 6.91 24.18
C MET B 488 -14.56 6.81 24.92
N ARG B 489 -14.32 7.75 25.82
CA ARG B 489 -13.06 7.74 26.55
C ARG B 489 -12.75 6.46 27.26
N THR B 490 -13.81 5.87 27.80
CA THR B 490 -13.62 4.64 28.51
C THR B 490 -13.30 3.50 27.55
N LEU B 491 -14.12 3.33 26.53
CA LEU B 491 -13.89 2.27 25.55
C LEU B 491 -12.49 2.31 24.96
N ILE B 492 -12.02 3.52 24.63
CA ILE B 492 -10.70 3.61 24.06
C ILE B 492 -9.64 3.00 24.97
N ASP B 493 -9.70 3.39 26.24
CA ASP B 493 -8.72 2.85 27.16
C ASP B 493 -8.84 1.33 27.35
N ASP B 494 -10.07 0.84 27.45
CA ASP B 494 -10.24 -0.59 27.65
C ASP B 494 -9.72 -1.38 26.47
N CYS B 495 -10.17 -1.02 25.28
CA CYS B 495 -9.67 -1.77 24.14
C CYS B 495 -8.18 -1.64 24.01
N ALA B 496 -7.65 -0.53 24.51
CA ALA B 496 -6.21 -0.36 24.40
C ALA B 496 -5.59 -1.42 25.27
N ALA B 497 -6.04 -1.44 26.52
CA ALA B 497 -5.58 -2.39 27.51
C ALA B 497 -5.80 -3.84 27.13
N ASN B 498 -6.25 -4.13 25.91
CA ASN B 498 -6.50 -5.51 25.49
C ASN B 498 -6.04 -5.68 24.06
N GLY B 499 -5.07 -4.88 23.67
CA GLY B 499 -4.48 -4.95 22.33
C GLY B 499 -5.30 -4.35 21.20
N TRP B 500 -6.46 -3.79 21.48
CA TRP B 500 -7.21 -3.21 20.38
C TRP B 500 -7.06 -1.72 20.09
N GLY B 501 -6.77 -1.44 18.81
CA GLY B 501 -6.58 -0.11 18.22
C GLY B 501 -7.84 0.38 17.51
N GLU B 502 -7.82 1.59 16.97
CA GLU B 502 -8.99 2.16 16.28
C GLU B 502 -8.43 2.73 14.98
N TYR B 503 -9.10 2.44 13.87
CA TYR B 503 -8.55 2.96 12.64
C TYR B 503 -8.89 4.38 12.24
N ARG B 504 -9.82 4.98 12.98
CA ARG B 504 -10.23 6.33 12.68
C ARG B 504 -11.12 6.80 13.80
N THR B 505 -11.22 8.11 13.92
CA THR B 505 -12.07 8.71 14.93
C THR B 505 -12.35 10.14 14.64
N HIS B 506 -13.22 10.64 15.49
CA HIS B 506 -13.70 12.00 15.48
C HIS B 506 -12.68 12.93 16.10
N LEU B 507 -12.77 14.22 15.75
CA LEU B 507 -11.89 15.26 16.25
C LEU B 507 -11.63 15.26 17.75
N ALA B 508 -12.69 15.11 18.55
CA ALA B 508 -12.51 15.12 20.01
C ALA B 508 -11.70 13.98 20.59
N PHE B 509 -11.18 13.10 19.76
CA PHE B 509 -10.43 12.02 20.35
C PHE B 509 -9.20 11.60 19.58
N MET B 510 -8.81 12.41 18.61
CA MET B 510 -7.64 12.09 17.82
C MET B 510 -6.50 12.13 18.78
N ASP B 511 -6.53 13.08 19.71
CA ASP B 511 -5.41 13.13 20.63
C ASP B 511 -5.29 11.89 21.47
N GLN B 512 -6.40 11.49 22.08
CA GLN B 512 -6.38 10.30 22.92
C GLN B 512 -5.98 9.09 22.11
N ILE B 513 -6.61 8.94 20.96
CA ILE B 513 -6.25 7.80 20.16
C ILE B 513 -4.79 7.76 19.76
N MET B 514 -4.20 8.89 19.36
CA MET B 514 -2.79 8.84 19.01
C MET B 514 -1.96 8.37 20.22
N GLU B 515 -2.35 8.73 21.44
CA GLU B 515 -1.58 8.25 22.59
C GLU B 515 -1.55 6.77 22.85
N THR B 516 -2.53 6.07 22.31
CA THR B 516 -2.56 4.62 22.54
C THR B 516 -1.42 4.05 21.72
N TYR B 517 -1.11 4.70 20.61
CA TYR B 517 -0.04 4.23 19.75
C TYR B 517 1.37 4.49 20.30
N ASN B 518 1.49 4.67 21.60
CA ASN B 518 2.80 4.94 22.19
C ASN B 518 3.95 3.94 22.35
N TRP B 519 4.04 2.87 21.59
CA TRP B 519 5.15 1.94 21.81
C TRP B 519 6.49 2.68 21.75
N ASN B 520 7.41 2.30 22.63
CA ASN B 520 8.74 2.90 22.72
C ASN B 520 8.73 4.38 23.01
N ASN B 521 7.87 4.83 23.91
CA ASN B 521 7.87 6.26 24.20
C ASN B 521 7.33 7.25 23.18
N SER B 522 6.23 6.86 22.53
CA SER B 522 5.59 7.69 21.53
C SER B 522 6.44 7.91 20.30
N SER B 523 7.41 7.03 20.11
CA SER B 523 8.32 7.13 18.96
C SER B 523 7.59 7.38 17.64
N PHE B 524 6.44 6.78 17.45
CA PHE B 524 5.73 6.98 16.20
C PHE B 524 5.27 8.42 16.03
N LEU B 525 4.75 9.00 17.09
CA LEU B 525 4.27 10.36 17.01
C LEU B 525 5.41 11.34 16.80
N ARG B 526 6.52 11.05 17.45
CA ARG B 526 7.69 11.90 17.35
C ARG B 526 8.24 11.94 15.92
N PHE B 527 8.29 10.78 15.28
CA PHE B 527 8.79 10.74 13.92
C PHE B 527 7.90 11.54 13.03
N ASN B 528 6.61 11.52 13.30
CA ASN B 528 5.69 12.28 12.45
C ASN B 528 5.87 13.76 12.53
N GLU B 529 5.83 14.27 13.76
CA GLU B 529 6.00 15.70 13.96
C GLU B 529 7.27 16.19 13.30
N VAL B 530 8.29 15.34 13.25
CA VAL B 530 9.52 15.76 12.63
C VAL B 530 9.20 15.97 11.17
N LEU B 531 8.50 15.01 10.59
CA LEU B 531 8.20 15.16 9.19
C LEU B 531 7.31 16.36 9.01
N LYS B 532 6.36 16.47 9.93
CA LYS B 532 5.40 17.55 9.89
C LYS B 532 6.07 18.87 9.83
N ASN B 533 6.86 19.19 10.85
CA ASN B 533 7.55 20.46 10.86
C ASN B 533 8.54 20.66 9.70
N ALA B 534 9.16 19.59 9.25
CA ALA B 534 10.10 19.71 8.16
C ALA B 534 9.42 20.23 6.91
N VAL B 535 8.21 19.72 6.69
CA VAL B 535 7.32 20.02 5.57
C VAL B 535 6.43 21.24 5.57
N ASP B 536 6.05 21.69 6.76
CA ASP B 536 5.19 22.84 6.94
C ASP B 536 5.75 23.47 8.20
N PRO B 537 6.66 24.40 8.00
CA PRO B 537 7.32 25.10 9.08
C PRO B 537 6.34 25.87 9.94
N ASN B 538 5.40 26.55 9.28
CA ASN B 538 4.35 27.34 9.91
C ASN B 538 3.09 26.63 10.40
N GLY B 539 3.02 25.31 10.27
CA GLY B 539 1.84 24.60 10.73
C GLY B 539 0.54 25.12 10.16
N ILE B 540 0.60 25.61 8.93
CA ILE B 540 -0.55 26.14 8.23
C ILE B 540 -1.62 25.13 7.86
N ILE B 541 -1.21 23.91 7.58
CA ILE B 541 -2.18 22.90 7.19
C ILE B 541 -2.76 21.99 8.28
N ALA B 542 -4.06 22.04 8.49
CA ALA B 542 -4.73 21.18 9.48
C ALA B 542 -4.04 20.71 10.76
N PRO B 543 -3.37 21.59 11.49
CA PRO B 543 -2.71 21.14 12.71
C PRO B 543 -3.74 20.48 13.60
N GLY B 544 -3.27 19.43 14.24
CA GLY B 544 -4.04 18.62 15.13
C GLY B 544 -4.68 17.40 14.45
N LYS B 545 -4.73 17.35 13.12
CA LYS B 545 -5.32 16.17 12.47
C LYS B 545 -4.52 14.92 12.88
N SER B 546 -5.23 13.93 13.40
CA SER B 546 -4.62 12.70 13.85
C SER B 546 -3.70 12.93 15.06
N GLY B 547 -3.88 14.06 15.70
CA GLY B 547 -3.06 14.35 16.85
C GLY B 547 -1.70 14.91 16.50
N VAL B 548 -1.41 15.08 15.21
CA VAL B 548 -0.09 15.63 14.92
C VAL B 548 -0.10 17.15 15.06
N TRP B 549 0.70 17.68 15.98
CA TRP B 549 0.76 19.12 16.17
C TRP B 549 2.03 19.82 15.65
N PRO B 550 1.94 20.98 15.01
CA PRO B 550 3.14 21.66 14.52
C PRO B 550 3.80 22.28 15.76
N SER B 551 5.10 22.57 15.70
CA SER B 551 5.81 23.16 16.82
C SER B 551 5.25 24.40 17.47
N GLN B 552 4.37 25.10 16.74
CA GLN B 552 3.74 26.33 17.19
C GLN B 552 2.68 26.16 18.27
N TYR B 553 1.92 25.08 18.15
CA TYR B 553 0.87 24.75 19.10
C TYR B 553 1.49 24.02 20.28
N SER B 554 1.38 24.56 21.48
CA SER B 554 1.96 23.88 22.63
C SER B 554 1.05 22.70 22.95
N HIS B 555 1.64 21.53 23.16
CA HIS B 555 0.86 20.35 23.47
C HIS B 555 0.03 20.52 24.72
N VAL B 556 0.47 21.39 25.61
CA VAL B 556 -0.28 21.63 26.84
C VAL B 556 -1.59 22.34 26.54
N THR B 557 -1.51 23.40 25.76
CA THR B 557 -2.70 24.15 25.45
C THR B 557 -3.60 23.41 24.46
N TRP B 558 -2.98 22.77 23.47
CA TRP B 558 -3.76 22.06 22.48
C TRP B 558 -4.32 20.67 22.66
N LYS B 559 -3.54 19.75 23.22
CA LYS B 559 -4.01 18.38 23.42
C LYS B 559 -5.38 18.31 24.04
N LEU B 560 -5.97 17.13 24.08
CA LEU B 560 -7.30 17.11 24.67
C LEU B 560 -7.84 15.71 24.90
CL CL C . 16.26 -13.96 -7.00
PA FAD D . 20.07 -7.37 -0.46
O1A FAD D . 21.28 -7.99 -1.06
O2A FAD D . 19.92 -7.39 1.03
O5B FAD D . 19.92 -5.87 -1.03
C5B FAD D . 18.78 -5.16 -0.55
C4B FAD D . 18.83 -3.67 -0.89
O4B FAD D . 17.73 -3.05 -0.17
C3B FAD D . 20.10 -2.93 -0.48
O3B FAD D . 20.73 -2.39 -1.64
C2B FAD D . 19.65 -1.83 0.46
O2B FAD D . 19.63 -0.56 -0.15
C1B FAD D . 18.24 -2.25 0.87
N9A FAD D . 18.18 -2.96 2.14
C8A FAD D . 18.39 -4.29 2.38
N7A FAD D . 18.27 -4.64 3.64
C5A FAD D . 17.97 -3.45 4.28
C6A FAD D . 17.70 -3.14 5.63
N6A FAD D . 17.73 -4.04 6.61
N1A FAD D . 17.43 -1.85 5.94
C2A FAD D . 17.41 -0.95 4.95
N3A FAD D . 17.62 -1.12 3.65
C4A FAD D . 17.90 -2.41 3.37
N1 FAD D . 14.65 -10.22 -7.88
C2 FAD D . 13.33 -10.21 -7.71
O2 FAD D . 12.82 -9.37 -6.97
N3 FAD D . 12.51 -11.14 -8.32
C4 FAD D . 13.02 -12.12 -9.15
O4 FAD D . 12.26 -12.94 -9.69
C4X FAD D . 14.44 -12.14 -9.33
N5 FAD D . 14.99 -13.04 -10.17
C5X FAD D . 16.31 -12.94 -10.43
C6 FAD D . 16.86 -13.90 -11.28
C7 FAD D . 18.24 -13.93 -11.48
C7M FAD D . 18.83 -14.99 -12.39
C8 FAD D . 19.08 -12.98 -10.83
C8M FAD D . 20.58 -13.00 -11.04
C9 FAD D . 18.52 -12.01 -10.00
C9A FAD D . 17.14 -11.96 -9.79
N10 FAD D . 16.57 -11.08 -8.92
C10 FAD D . 15.23 -11.15 -8.67
C1' FAD D . 17.41 -10.03 -8.30
C2' FAD D . 17.86 -10.41 -6.89
O2' FAD D . 18.50 -11.68 -6.92
C3' FAD D . 16.69 -10.43 -5.91
O3' FAD D . 15.91 -9.25 -6.11
C4' FAD D . 17.18 -10.49 -4.47
O4' FAD D . 16.07 -10.62 -3.59
C5' FAD D . 17.99 -9.25 -4.10
O5' FAD D . 18.94 -9.57 -3.10
P FAD D . 18.53 -9.63 -1.54
O1P FAD D . 17.09 -9.98 -1.42
O2P FAD D . 19.54 -10.47 -0.82
O3P FAD D . 18.77 -8.08 -1.12
C1 EPT E . 14.08 -10.36 -12.61
C2 EPT E . 14.66 -9.15 -12.72
C3 EPT E . 14.25 -8.02 -12.05
C4 EPT E . 13.18 -8.17 -11.15
C5 EPT E . 12.59 -9.35 -11.05
C6 EPT E . 13.01 -10.49 -11.73
C7 EPT E . 14.62 -11.52 -13.35
C8 EPT E . 13.61 -12.58 -13.34
C9 EPT E . 14.42 -13.75 -13.91
C10 EPT E . 13.55 -15.05 -14.06
C11 EPT E . 12.04 -14.72 -14.21
C12 EPT E . 11.34 -15.83 -14.98
C13 EPT E . 10.39 -15.19 -16.04
O4 EPT E . 12.70 -7.10 -10.42
CL CL F . -21.06 7.07 3.91
PA FAD G . -14.83 14.93 3.90
O1A FAD G . -16.09 15.50 4.49
O2A FAD G . -14.23 15.61 2.71
O5B FAD G . -13.73 14.78 5.07
C5B FAD G . -12.49 14.23 4.66
C4B FAD G . -11.41 14.36 5.72
O4B FAD G . -10.16 13.96 5.11
C3B FAD G . -11.19 15.76 6.29
O3B FAD G . -11.43 15.75 7.70
C2B FAD G . -9.73 16.10 5.99
O2B FAD G . -8.91 15.99 7.13
C1B FAD G . -9.32 15.08 4.93
N9A FAD G . -9.42 15.59 3.56
C8A FAD G . -10.53 15.65 2.76
N7A FAD G . -10.29 16.17 1.58
C5A FAD G . -8.95 16.46 1.61
C6A FAD G . -8.08 17.04 0.66
N6A FAD G . -8.47 17.43 -0.57
N1A FAD G . -6.79 17.22 1.01
C2A FAD G . -6.40 16.84 2.23
N3A FAD G . -7.12 16.29 3.21
C4A FAD G . -8.39 16.13 2.82
N1 FAD G . -17.62 5.95 5.95
C2 FAD G . -16.99 4.96 5.33
O2 FAD G . -15.79 5.09 5.04
N3 FAD G . -17.63 3.78 5.00
C4 FAD G . -18.96 3.58 5.29
O4 FAD G . -19.51 2.52 4.97
C4X FAD G . -19.65 4.65 5.95
N5 FAD G . -20.94 4.48 6.32
C5X FAD G . -21.51 5.44 7.07
C6 FAD G . -22.85 5.26 7.41
C7 FAD G . -23.54 6.29 8.06
C7M FAD G . -25.00 6.09 8.41
C8 FAD G . -22.87 7.50 8.39
C8M FAD G . -23.61 8.62 9.10
C9 FAD G . -21.52 7.67 8.06
C9A FAD G . -20.83 6.65 7.42
N10 FAD G . -19.53 6.81 7.01
C10 FAD G . -18.92 5.83 6.28
C1' FAD G . -18.79 8.03 7.41
C2' FAD G . -18.78 9.09 6.31
O2' FAD G . -20.11 9.37 5.90
C3' FAD G . -17.93 8.65 5.12
O3' FAD G . -16.69 8.13 5.61
C4' FAD G . -17.66 9.82 4.18
O4' FAD G . -16.97 9.36 3.03
C5' FAD G . -16.84 10.91 4.87
O5' FAD G . -17.14 12.18 4.30
P FAD G . -16.45 12.67 2.93
O1P FAD G . -16.08 11.49 2.11
O2P FAD G . -17.29 13.73 2.32
O3P FAD G . -15.10 13.37 3.53
#